data_9S8Z
#
_entry.id   9S8Z
#
_cell.length_a   174.077
_cell.length_b   66.735
_cell.length_c   121.604
_cell.angle_alpha   90.000
_cell.angle_beta   121.954
_cell.angle_gamma   90.000
#
_symmetry.space_group_name_H-M   'C 1 2 1'
#
loop_
_entity.id
_entity.type
_entity.pdbx_description
1 polymer 'Protein BRASSINOSTEROID INSENSITIVE 1'
2 branched alpha-D-mannopyranose-(1-3)-beta-D-mannopyranose-(1-4)-2-acetamido-2-deoxy-beta-D-glucopyranose-(1-4)-2-acetamido-2-deoxy-beta-D-glucopyranose
3 branched 2-acetamido-2-deoxy-beta-D-glucopyranose-(1-4)-2-acetamido-2-deoxy-beta-D-glucopyranose
4 branched alpha-D-mannopyranose-(1-3)-[alpha-D-mannopyranose-(1-6)]alpha-D-mannopyranose-(1-6)-[alpha-D-mannopyranose-(1-3)]beta-D-mannopyranose-(1-4)-2-acetamido-2-deoxy-beta-D-glucopyranose-(1-4)-2-acetamido-2-deoxy-beta-D-glucopyranose
5 branched alpha-D-mannopyranose-(1-6)-alpha-D-mannopyranose-(1-3)-beta-D-mannopyranose-(1-4)-2-acetamido-2-deoxy-beta-D-glucopyranose-(1-4)-2-acetamido-2-deoxy-beta-D-glucopyranose
6 branched 2-acetamido-2-deoxy-beta-D-glucopyranose-(1-4)-[alpha-L-fucopyranose-(1-6)]2-acetamido-2-deoxy-beta-D-glucopyranose
7 non-polymer 28-homobrassinolide
8 non-polymer 'SULFATE ION'
9 non-polymer 'SODIUM ION'
10 non-polymer 2-acetamido-2-deoxy-beta-D-glucopyranose
11 non-polymer GLYCEROL
12 non-polymer 'ACETATE ION'
13 non-polymer 1,2-ETHANEDIOL
14 water water
#
_entity_poly.entity_id   1
_entity_poly.type   'polypeptide(L)'
_entity_poly.pdbx_seq_one_letter_code
;MKTFSSFFLSVTTLFFFSFFSLSFQASPSQSLYREIHQLISFKDVLPDKNLLPDWSSNKNPCTFDGVTCRDDKVTSIDLS
SKPLNVGFSAVSSSLLSLTGLESLFLSNSHINGSVSGFKCSASLTSLDLSRNSLSGPVTTLTSLGSCSGLKFLNVSSNTL
DFPGKVSGGLKLNSLEVLDLSANSISGANVVGWVLSDGCGELKHLAISGNKISGDVDVSRCVNLEFLDVSSNNFSTGIPF
LGDCSALQHLDISGNKLSGDFSRAISTCTELKLLNISSNQFVGPIPPLPLKSLQYLSLAENKFTGEIPDFLSGACDTLTG
LDLSGNHFYGAVPPFFGSCSLLESLALSSNNFSGELPMDTLLKMRGLKVLDLSFNEFSGELPESLTNLSASLLTLDLSSN
NFSGPILPNLCQNPKNTLQELYLQNNGFTGKIPPTLSNCSELVSLHLSFNYLSGTIPSSLGSLSKLRDLKLWLNMLEGEI
PQELMYVKTLETLILDFNDLTGEIPSGLSNCTNLNWISLSNNRLTGEIPKWIGRLENLAILKLSNNSFSGNIPAELGDCR
SLIWLDLNTNLFNGTIPAAMFKQSGKIAANFIAGKRYVYIKNDGMKKECHGAGNLLEFQGIRSEQLNRLSTRNPCNITSR
VYGGHTSPTFDNNGSMMFLDMSYNMLSGYIPKEIGSMPYLFILNLGHNDISGSIPDEVGDLRGLNILDLSSNKLDGRIPQ
AMSALTMLTEIDLSNNNLSGPIPEMGQFETFPPAKFLNNPGLCGYPLPRCDPSNADGYAHHQRSHGRRAAAENLYFQ
;
_entity_poly.pdbx_strand_id   A
#
loop_
_chem_comp.id
_chem_comp.type
_chem_comp.name
_chem_comp.formula
A1JMH non-polymer 28-homobrassinolide 'C29 H50 O6'
ACT non-polymer 'ACETATE ION' 'C2 H3 O2 -1'
BMA D-saccharide, beta linking beta-D-mannopyranose 'C6 H12 O6'
EDO non-polymer 1,2-ETHANEDIOL 'C2 H6 O2'
FUC L-saccharide, alpha linking alpha-L-fucopyranose 'C6 H12 O5'
GOL non-polymer GLYCEROL 'C3 H8 O3'
MAN D-saccharide, alpha linking alpha-D-mannopyranose 'C6 H12 O6'
NA non-polymer 'SODIUM ION' 'Na 1'
NAG D-saccharide, beta linking 2-acetamido-2-deoxy-beta-D-glucopyranose 'C8 H15 N O6'
SO4 non-polymer 'SULFATE ION' 'O4 S -2'
#
# COMPACT_ATOMS: atom_id res chain seq x y z
N GLN A 30 -17.67 -0.72 44.94
CA GLN A 30 -17.99 0.41 45.79
C GLN A 30 -16.95 0.60 46.88
N SER A 31 -17.05 -0.21 47.93
CA SER A 31 -16.06 -0.15 49.00
C SER A 31 -14.66 -0.31 48.41
N LEU A 32 -13.72 0.46 48.96
CA LEU A 32 -12.35 0.43 48.44
C LEU A 32 -11.75 -0.97 48.50
N TYR A 33 -12.10 -1.75 49.53
CA TYR A 33 -11.56 -3.10 49.67
C TYR A 33 -11.93 -3.96 48.47
N ARG A 34 -13.18 -3.87 48.02
CA ARG A 34 -13.63 -4.68 46.88
C ARG A 34 -13.05 -4.15 45.57
N GLU A 35 -12.96 -2.82 45.45
CA GLU A 35 -12.38 -2.21 44.26
C GLU A 35 -10.97 -2.73 44.02
N ILE A 36 -10.11 -2.66 45.04
CA ILE A 36 -8.71 -3.01 44.87
C ILE A 36 -8.54 -4.49 44.58
N HIS A 37 -9.30 -5.35 45.27
CA HIS A 37 -9.13 -6.78 45.10
C HIS A 37 -9.59 -7.24 43.72
N GLN A 38 -10.72 -6.71 43.25
CA GLN A 38 -11.15 -7.04 41.89
C GLN A 38 -10.07 -6.67 40.88
N LEU A 39 -9.51 -5.48 41.00
CA LEU A 39 -8.50 -5.04 40.04
C LEU A 39 -7.24 -5.87 40.15
N ILE A 40 -6.78 -6.15 41.36
CA ILE A 40 -5.54 -6.90 41.52
C ILE A 40 -5.73 -8.35 41.08
N SER A 41 -6.91 -8.93 41.33
CA SER A 41 -7.17 -10.26 40.82
C SER A 41 -7.07 -10.29 39.30
N PHE A 42 -7.45 -9.21 38.63
CA PHE A 42 -7.23 -9.13 37.19
C PHE A 42 -5.74 -9.12 36.87
N LYS A 43 -4.97 -8.31 37.60
CA LYS A 43 -3.53 -8.26 37.37
C LYS A 43 -2.89 -9.62 37.57
N ASP A 44 -3.28 -10.33 38.64
CA ASP A 44 -2.65 -11.59 38.97
C ASP A 44 -2.93 -12.67 37.93
N VAL A 45 -3.93 -12.45 37.06
CA VAL A 45 -4.21 -13.39 35.98
C VAL A 45 -3.41 -13.10 34.72
N LEU A 46 -2.83 -11.91 34.60
CA LEU A 46 -2.04 -11.60 33.43
C LEU A 46 -0.84 -12.55 33.33
N PRO A 47 -0.50 -13.02 32.14
CA PRO A 47 0.76 -13.79 32.00
C PRO A 47 1.97 -12.96 32.38
N ASP A 48 1.99 -11.68 32.02
CA ASP A 48 3.05 -10.75 32.34
C ASP A 48 2.48 -9.74 33.33
N LYS A 49 2.57 -10.05 34.63
CA LYS A 49 2.07 -9.14 35.65
C LYS A 49 2.70 -7.76 35.55
N ASN A 50 3.93 -7.69 35.03
CA ASN A 50 4.67 -6.44 34.95
C ASN A 50 4.06 -5.43 33.99
N LEU A 51 2.99 -5.78 33.27
CA LEU A 51 2.30 -4.80 32.42
C LEU A 51 1.53 -3.78 33.25
N LEU A 52 1.19 -4.11 34.50
CA LEU A 52 0.48 -3.21 35.40
C LEU A 52 1.35 -3.03 36.65
N PRO A 53 2.53 -2.40 36.50
CA PRO A 53 3.47 -2.36 37.61
C PRO A 53 2.98 -1.56 38.82
N ASP A 54 2.33 -0.42 38.59
CA ASP A 54 1.91 0.42 39.70
C ASP A 54 0.62 -0.07 40.35
N TRP A 55 -0.06 -1.04 39.75
CA TRP A 55 -1.19 -1.69 40.41
C TRP A 55 -0.64 -2.52 41.57
N SER A 56 -0.84 -2.05 42.79
CA SER A 56 -0.38 -2.75 43.97
C SER A 56 -1.56 -3.04 44.89
N SER A 57 -1.45 -4.14 45.62
CA SER A 57 -2.54 -4.61 46.47
C SER A 57 -2.73 -3.77 47.73
N ASN A 58 -1.95 -2.71 47.93
CA ASN A 58 -2.12 -1.87 49.11
C ASN A 58 -1.98 -0.39 48.77
N LYS A 59 -2.35 -0.01 47.56
CA LYS A 59 -2.49 1.38 47.17
C LYS A 59 -3.93 1.64 46.77
N ASN A 60 -4.29 2.91 46.71
CA ASN A 60 -5.61 3.29 46.23
C ASN A 60 -5.64 3.16 44.71
N PRO A 61 -6.61 2.44 44.15
CA PRO A 61 -6.63 2.27 42.68
C PRO A 61 -6.70 3.57 41.91
N CYS A 62 -7.13 4.67 42.55
CA CYS A 62 -7.21 5.95 41.88
C CYS A 62 -5.85 6.53 41.52
N THR A 63 -4.76 5.93 42.01
CA THR A 63 -3.41 6.32 41.66
C THR A 63 -2.81 5.45 40.56
N PHE A 64 -3.56 4.47 40.06
CA PHE A 64 -3.04 3.50 39.12
C PHE A 64 -3.01 4.08 37.71
N ASP A 65 -1.98 3.71 36.95
CA ASP A 65 -1.95 4.02 35.53
C ASP A 65 -3.05 3.24 34.81
N GLY A 66 -3.76 3.93 33.92
CA GLY A 66 -4.87 3.34 33.20
C GLY A 66 -6.22 3.50 33.88
N VAL A 67 -6.27 4.05 35.09
CA VAL A 67 -7.50 4.18 35.87
C VAL A 67 -7.92 5.64 35.89
N THR A 68 -9.23 5.86 35.77
CA THR A 68 -9.84 7.17 35.94
C THR A 68 -10.76 7.14 37.16
N CYS A 69 -10.69 8.18 37.97
CA CYS A 69 -11.44 8.24 39.22
C CYS A 69 -12.18 9.57 39.33
N ARG A 70 -13.31 9.55 40.01
CA ARG A 70 -14.05 10.75 40.38
C ARG A 70 -14.50 10.59 41.83
N ASP A 71 -14.13 11.55 42.67
CA ASP A 71 -14.50 11.51 44.09
C ASP A 71 -14.03 10.22 44.74
N ASP A 72 -12.83 9.76 44.36
CA ASP A 72 -12.15 8.63 44.97
C ASP A 72 -12.83 7.30 44.61
N LYS A 73 -13.52 7.24 43.47
CA LYS A 73 -14.18 6.01 43.02
C LYS A 73 -13.83 5.76 41.56
N VAL A 74 -13.51 4.51 41.24
CA VAL A 74 -13.10 4.14 39.89
C VAL A 74 -14.30 4.25 38.96
N THR A 75 -14.10 4.91 37.81
CA THR A 75 -15.18 5.15 36.86
C THR A 75 -14.83 4.67 35.45
N SER A 76 -13.54 4.64 35.11
CA SER A 76 -13.13 4.16 33.80
C SER A 76 -11.76 3.50 33.91
N ILE A 77 -11.56 2.48 33.08
CA ILE A 77 -10.30 1.76 32.99
C ILE A 77 -9.88 1.70 31.54
N ASP A 78 -8.64 2.11 31.26
CA ASP A 78 -8.09 2.13 29.90
C ASP A 78 -6.77 1.37 29.90
N LEU A 79 -6.80 0.12 29.45
CA LEU A 79 -5.59 -0.68 29.25
C LEU A 79 -5.33 -0.93 27.77
N SER A 80 -5.79 -0.02 26.91
CA SER A 80 -5.64 -0.19 25.47
C SER A 80 -4.17 -0.27 25.07
N SER A 81 -3.91 -1.04 24.02
CA SER A 81 -2.57 -1.19 23.45
C SER A 81 -1.58 -1.82 24.42
N LYS A 82 -2.08 -2.52 25.44
CA LYS A 82 -1.26 -3.31 26.34
C LYS A 82 -1.48 -4.78 26.04
N PRO A 83 -0.44 -5.55 25.71
CA PRO A 83 -0.67 -6.97 25.37
C PRO A 83 -1.07 -7.79 26.59
N LEU A 84 -2.31 -7.63 27.05
CA LEU A 84 -2.73 -8.33 28.26
C LEU A 84 -2.75 -9.84 28.08
N ASN A 85 -3.04 -10.31 26.87
CA ASN A 85 -3.02 -11.74 26.55
C ASN A 85 -3.79 -12.54 27.60
N VAL A 86 -5.11 -12.31 27.62
CA VAL A 86 -5.99 -12.96 28.56
C VAL A 86 -7.37 -13.07 27.92
N GLY A 87 -8.16 -14.04 28.39
CA GLY A 87 -9.47 -14.26 27.84
C GLY A 87 -10.50 -13.28 28.36
N PHE A 88 -11.62 -13.21 27.65
CA PHE A 88 -12.72 -12.32 28.06
C PHE A 88 -13.26 -12.71 29.43
N SER A 89 -13.10 -13.97 29.82
CA SER A 89 -13.56 -14.41 31.15
C SER A 89 -12.89 -13.59 32.25
N ALA A 90 -11.60 -13.29 32.09
CA ALA A 90 -10.90 -12.48 33.10
C ALA A 90 -11.46 -11.07 33.15
N VAL A 91 -11.76 -10.49 31.98
CA VAL A 91 -12.31 -9.14 31.93
C VAL A 91 -13.67 -9.09 32.60
N SER A 92 -14.57 -10.00 32.19
CA SER A 92 -15.95 -9.94 32.66
C SER A 92 -16.06 -10.21 34.16
N SER A 93 -15.18 -11.03 34.72
CA SER A 93 -15.27 -11.38 36.12
C SER A 93 -14.60 -10.37 37.04
N SER A 94 -13.60 -9.64 36.55
CA SER A 94 -12.82 -8.72 37.36
C SER A 94 -13.16 -7.26 37.10
N LEU A 95 -13.11 -6.83 35.84
CA LEU A 95 -13.26 -5.41 35.51
C LEU A 95 -14.72 -5.04 35.30
N LEU A 96 -15.46 -5.81 34.50
CA LEU A 96 -16.82 -5.43 34.17
C LEU A 96 -17.80 -5.64 35.32
N SER A 97 -17.37 -6.30 36.40
CA SER A 97 -18.20 -6.44 37.59
C SER A 97 -17.99 -5.31 38.59
N LEU A 98 -17.02 -4.42 38.34
CA LEU A 98 -16.81 -3.27 39.20
C LEU A 98 -18.09 -2.45 39.29
N THR A 99 -18.60 -2.29 40.50
CA THR A 99 -19.74 -1.41 40.71
C THR A 99 -19.31 0.03 40.43
N GLY A 100 -20.10 0.73 39.62
CA GLY A 100 -19.81 2.11 39.28
C GLY A 100 -18.90 2.29 38.09
N LEU A 101 -18.32 1.23 37.53
CA LEU A 101 -17.52 1.38 36.33
C LEU A 101 -18.39 1.88 35.19
N GLU A 102 -18.02 3.02 34.63
CA GLU A 102 -18.80 3.65 33.57
C GLU A 102 -18.29 3.32 32.16
N SER A 103 -17.02 2.98 32.01
CA SER A 103 -16.49 2.65 30.69
C SER A 103 -15.25 1.78 30.84
N LEU A 104 -15.06 0.89 29.87
CA LEU A 104 -13.91 -0.01 29.82
C LEU A 104 -13.34 0.03 28.41
N PHE A 105 -12.10 0.45 28.28
CA PHE A 105 -11.41 0.53 27.00
C PHE A 105 -10.29 -0.49 26.97
N LEU A 106 -10.46 -1.54 26.16
CA LEU A 106 -9.48 -2.59 25.97
C LEU A 106 -9.20 -2.80 24.49
N SER A 107 -9.05 -1.71 23.75
CA SER A 107 -8.76 -1.82 22.33
C SER A 107 -7.31 -2.25 22.13
N ASN A 108 -7.13 -3.33 21.37
CA ASN A 108 -5.79 -3.82 21.03
C ASN A 108 -5.04 -4.23 22.28
N SER A 109 -5.68 -5.08 23.09
CA SER A 109 -5.11 -5.57 24.34
C SER A 109 -4.87 -7.07 24.32
N HIS A 110 -4.97 -7.70 23.15
CA HIS A 110 -4.75 -9.14 23.01
C HIS A 110 -5.71 -9.92 23.92
N ILE A 111 -6.97 -9.53 23.88
CA ILE A 111 -8.04 -10.30 24.53
C ILE A 111 -8.55 -11.33 23.55
N ASN A 112 -8.61 -12.58 23.96
CA ASN A 112 -9.21 -13.60 23.12
C ASN A 112 -10.35 -14.29 23.86
N GLY A 113 -10.78 -15.44 23.37
CA GLY A 113 -11.98 -16.05 23.90
C GLY A 113 -13.22 -15.49 23.22
N SER A 114 -14.35 -15.61 23.92
CA SER A 114 -15.61 -15.10 23.39
C SER A 114 -16.45 -14.56 24.54
N VAL A 115 -17.40 -13.70 24.19
CA VAL A 115 -18.26 -13.07 25.17
C VAL A 115 -19.29 -14.10 25.65
N SER A 116 -19.42 -14.21 26.97
CA SER A 116 -20.37 -15.12 27.59
C SER A 116 -21.17 -14.34 28.64
N GLY A 117 -22.11 -15.03 29.26
CA GLY A 117 -22.91 -14.37 30.30
C GLY A 117 -22.05 -13.93 31.46
N PHE A 118 -22.34 -12.75 31.99
CA PHE A 118 -21.62 -12.24 33.14
C PHE A 118 -22.46 -11.15 33.80
N LYS A 119 -22.10 -10.86 35.04
CA LYS A 119 -22.78 -9.85 35.84
C LYS A 119 -22.18 -8.49 35.50
N CYS A 120 -23.00 -7.60 34.97
CA CYS A 120 -22.53 -6.34 34.41
C CYS A 120 -23.05 -5.18 35.25
N SER A 121 -22.12 -4.35 35.73
CA SER A 121 -22.51 -3.14 36.45
C SER A 121 -23.46 -2.31 35.60
N ALA A 122 -24.56 -1.88 36.21
CA ALA A 122 -25.55 -1.09 35.49
C ALA A 122 -25.04 0.30 35.15
N SER A 123 -23.90 0.72 35.69
CA SER A 123 -23.32 2.00 35.35
C SER A 123 -22.47 1.96 34.08
N LEU A 124 -22.18 0.77 33.57
CA LEU A 124 -21.34 0.64 32.38
C LEU A 124 -22.09 1.14 31.14
N THR A 125 -21.55 2.17 30.49
CA THR A 125 -22.17 2.76 29.32
C THR A 125 -21.40 2.50 28.03
N SER A 126 -20.07 2.42 28.10
CA SER A 126 -19.24 2.24 26.92
C SER A 126 -18.29 1.07 27.11
N LEU A 127 -18.16 0.25 26.07
CA LEU A 127 -17.28 -0.91 26.08
C LEU A 127 -16.55 -0.98 24.75
N ASP A 128 -15.22 -0.82 24.78
CA ASP A 128 -14.40 -0.81 23.58
C ASP A 128 -13.50 -2.04 23.61
N LEU A 129 -13.91 -3.08 22.87
CA LEU A 129 -13.15 -4.31 22.74
C LEU A 129 -12.58 -4.48 21.33
N SER A 130 -12.29 -3.38 20.66
CA SER A 130 -11.85 -3.43 19.28
C SER A 130 -10.44 -4.00 19.18
N ARG A 131 -10.12 -4.49 17.97
CA ARG A 131 -8.75 -4.89 17.62
C ARG A 131 -8.23 -5.97 18.56
N ASN A 132 -9.09 -6.92 18.91
CA ASN A 132 -8.69 -8.06 19.74
C ASN A 132 -8.92 -9.35 18.98
N SER A 133 -8.92 -10.47 19.68
CA SER A 133 -9.07 -11.79 19.08
C SER A 133 -10.31 -12.50 19.58
N LEU A 134 -11.38 -11.73 19.81
CA LEU A 134 -12.65 -12.33 20.20
C LEU A 134 -13.15 -13.22 19.08
N SER A 135 -13.54 -14.44 19.42
CA SER A 135 -14.03 -15.42 18.47
C SER A 135 -15.43 -15.87 18.87
N GLY A 136 -16.01 -16.73 18.04
CA GLY A 136 -17.34 -17.23 18.28
C GLY A 136 -18.37 -16.55 17.40
N PRO A 137 -19.59 -17.08 17.39
CA PRO A 137 -20.66 -16.43 16.62
C PRO A 137 -21.02 -15.09 17.22
N VAL A 138 -21.47 -14.19 16.35
CA VAL A 138 -21.80 -12.84 16.80
C VAL A 138 -22.99 -12.84 17.74
N THR A 139 -23.75 -13.93 17.80
CA THR A 139 -24.83 -14.04 18.79
C THR A 139 -24.29 -14.03 20.22
N THR A 140 -22.98 -14.18 20.41
CA THR A 140 -22.41 -14.06 21.75
C THR A 140 -22.64 -12.68 22.34
N LEU A 141 -22.69 -11.65 21.49
CA LEU A 141 -22.81 -10.29 21.99
C LEU A 141 -24.16 -10.04 22.66
N THR A 142 -25.14 -10.90 22.42
CA THR A 142 -26.43 -10.73 23.08
C THR A 142 -26.28 -10.83 24.60
N SER A 143 -25.28 -11.58 25.08
CA SER A 143 -25.07 -11.69 26.52
C SER A 143 -24.61 -10.39 27.14
N LEU A 144 -24.21 -9.40 26.33
CA LEU A 144 -23.93 -8.07 26.85
C LEU A 144 -25.19 -7.32 27.25
N GLY A 145 -26.37 -7.90 27.04
CA GLY A 145 -27.58 -7.33 27.60
C GLY A 145 -27.57 -7.27 29.11
N SER A 146 -26.67 -8.00 29.75
CA SER A 146 -26.48 -7.86 31.20
C SER A 146 -26.20 -6.42 31.59
N CYS A 147 -25.69 -5.62 30.66
CA CYS A 147 -25.32 -4.23 30.94
C CYS A 147 -26.52 -3.35 30.60
N SER A 148 -27.36 -3.11 31.60
CA SER A 148 -28.58 -2.35 31.38
C SER A 148 -28.32 -0.93 30.89
N GLY A 149 -27.12 -0.40 31.12
CA GLY A 149 -26.77 0.94 30.72
C GLY A 149 -25.88 1.05 29.51
N LEU A 150 -25.58 -0.07 28.84
CA LEU A 150 -24.65 -0.04 27.71
C LEU A 150 -25.25 0.75 26.55
N LYS A 151 -24.50 1.74 26.07
CA LYS A 151 -24.92 2.55 24.93
C LYS A 151 -23.87 2.67 23.84
N PHE A 152 -22.60 2.37 24.11
CA PHE A 152 -21.53 2.40 23.12
C PHE A 152 -20.83 1.04 23.15
N LEU A 153 -20.84 0.34 22.02
CA LEU A 153 -20.23 -0.97 21.90
C LEU A 153 -19.39 -1.01 20.63
N ASN A 154 -18.09 -1.28 20.79
CA ASN A 154 -17.15 -1.35 19.68
C ASN A 154 -16.44 -2.70 19.77
N VAL A 155 -16.84 -3.65 18.92
CA VAL A 155 -16.20 -4.96 18.88
C VAL A 155 -15.59 -5.17 17.50
N SER A 156 -15.16 -4.08 16.87
CA SER A 156 -14.61 -4.16 15.52
C SER A 156 -13.21 -4.78 15.56
N SER A 157 -12.79 -5.29 14.40
CA SER A 157 -11.47 -5.92 14.25
C SER A 157 -11.33 -7.09 15.23
N ASN A 158 -12.33 -7.96 15.23
CA ASN A 158 -12.26 -9.24 15.92
C ASN A 158 -12.59 -10.31 14.89
N THR A 159 -12.89 -11.52 15.36
CA THR A 159 -13.16 -12.65 14.48
C THR A 159 -14.54 -13.24 14.70
N LEU A 160 -15.49 -12.42 15.14
CA LEU A 160 -16.87 -12.86 15.23
C LEU A 160 -17.38 -13.24 13.85
N ASP A 161 -18.18 -14.31 13.78
CA ASP A 161 -18.74 -14.78 12.53
C ASP A 161 -20.24 -15.01 12.70
N PHE A 162 -20.89 -15.41 11.61
CA PHE A 162 -22.32 -15.73 11.61
C PHE A 162 -22.52 -17.05 10.90
N PRO A 163 -22.26 -18.17 11.58
CA PRO A 163 -22.50 -19.48 10.97
C PRO A 163 -23.98 -19.83 10.96
N GLY A 164 -24.31 -20.79 10.10
CA GLY A 164 -25.67 -21.28 10.08
C GLY A 164 -26.69 -20.19 9.73
N LYS A 165 -27.93 -20.47 10.11
CA LYS A 165 -29.05 -19.61 9.75
C LYS A 165 -28.99 -18.28 10.49
N VAL A 166 -29.49 -17.24 9.84
CA VAL A 166 -29.68 -15.93 10.46
C VAL A 166 -31.09 -15.91 11.07
N SER A 167 -31.16 -16.00 12.40
CA SER A 167 -32.44 -16.01 13.09
C SER A 167 -32.22 -15.51 14.51
N GLY A 168 -33.30 -15.01 15.10
CA GLY A 168 -33.23 -14.43 16.43
C GLY A 168 -33.07 -12.92 16.37
N GLY A 169 -32.09 -12.41 17.09
CA GLY A 169 -31.83 -10.98 17.08
C GLY A 169 -30.71 -10.65 18.04
N LEU A 170 -30.10 -9.48 17.79
CA LEU A 170 -29.00 -9.05 18.64
C LEU A 170 -29.48 -8.64 20.03
N LYS A 171 -30.67 -8.05 20.11
CA LYS A 171 -31.30 -7.72 21.39
C LYS A 171 -30.43 -6.78 22.23
N LEU A 172 -29.81 -5.80 21.57
CA LEU A 172 -29.11 -4.74 22.28
C LEU A 172 -29.67 -3.39 21.86
N ASN A 173 -31.01 -3.30 21.82
CA ASN A 173 -31.72 -2.15 21.27
C ASN A 173 -31.54 -0.87 22.08
N SER A 174 -30.87 -0.93 23.23
CA SER A 174 -30.57 0.28 24.00
C SER A 174 -29.29 0.96 23.55
N LEU A 175 -28.64 0.46 22.50
CA LEU A 175 -27.37 1.01 22.06
C LEU A 175 -27.58 2.27 21.23
N GLU A 176 -26.68 3.23 21.40
CA GLU A 176 -26.61 4.40 20.53
C GLU A 176 -25.53 4.27 19.46
N VAL A 177 -24.49 3.49 19.73
CA VAL A 177 -23.37 3.33 18.80
C VAL A 177 -22.96 1.86 18.82
N LEU A 178 -22.98 1.23 17.65
CA LEU A 178 -22.56 -0.16 17.48
C LEU A 178 -21.60 -0.23 16.30
N ASP A 179 -20.42 -0.79 16.54
CA ASP A 179 -19.41 -0.96 15.49
C ASP A 179 -19.01 -2.44 15.44
N LEU A 180 -19.46 -3.13 14.39
CA LEU A 180 -19.13 -4.53 14.16
C LEU A 180 -18.16 -4.70 12.99
N SER A 181 -17.48 -3.64 12.58
CA SER A 181 -16.68 -3.68 11.37
C SER A 181 -15.50 -4.61 11.52
N ALA A 182 -15.00 -5.09 10.38
CA ALA A 182 -13.76 -5.86 10.32
C ALA A 182 -13.84 -7.12 11.18
N ASN A 183 -14.94 -7.84 11.08
CA ASN A 183 -15.08 -9.17 11.66
C ASN A 183 -15.12 -10.19 10.52
N SER A 184 -15.50 -11.42 10.85
CA SER A 184 -15.60 -12.50 9.88
C SER A 184 -17.06 -12.85 9.61
N ILE A 185 -17.92 -11.83 9.55
CA ILE A 185 -19.36 -12.04 9.45
C ILE A 185 -19.72 -12.24 7.98
N SER A 186 -20.06 -13.47 7.62
CA SER A 186 -20.57 -13.80 6.30
C SER A 186 -22.01 -14.26 6.45
N GLY A 187 -22.92 -13.56 5.79
CA GLY A 187 -24.33 -13.89 5.87
C GLY A 187 -25.21 -12.88 5.18
N ALA A 188 -26.44 -13.26 4.90
CA ALA A 188 -27.42 -12.38 4.29
C ALA A 188 -28.38 -11.86 5.35
N ASN A 189 -28.78 -10.60 5.20
CA ASN A 189 -29.70 -9.96 6.13
C ASN A 189 -29.17 -9.98 7.57
N VAL A 190 -27.84 -9.97 7.71
CA VAL A 190 -27.24 -9.81 9.03
C VAL A 190 -27.72 -8.50 9.67
N VAL A 191 -27.91 -7.46 8.84
CA VAL A 191 -28.35 -6.18 9.38
C VAL A 191 -29.72 -6.31 10.01
N GLY A 192 -30.64 -6.98 9.31
CA GLY A 192 -31.95 -7.24 9.90
C GLY A 192 -31.83 -7.93 11.25
N TRP A 193 -30.89 -8.87 11.37
CA TRP A 193 -30.69 -9.56 12.63
C TRP A 193 -30.28 -8.58 13.73
N VAL A 194 -29.41 -7.62 13.41
CA VAL A 194 -28.95 -6.67 14.40
C VAL A 194 -30.12 -5.83 14.91
N LEU A 195 -30.91 -5.29 13.98
CA LEU A 195 -31.96 -4.32 14.32
C LEU A 195 -33.30 -4.98 14.63
N SER A 196 -33.39 -6.31 14.57
CA SER A 196 -34.69 -6.96 14.66
C SER A 196 -35.44 -6.55 15.92
N ASP A 197 -34.74 -6.48 17.05
CA ASP A 197 -35.37 -6.17 18.34
C ASP A 197 -35.62 -4.68 18.52
N GLY A 198 -35.42 -3.87 17.50
CA GLY A 198 -35.66 -2.45 17.61
C GLY A 198 -34.36 -1.67 17.52
N CYS A 199 -34.47 -0.43 17.02
CA CYS A 199 -33.30 0.43 16.86
C CYS A 199 -33.66 1.89 17.06
N GLY A 200 -34.65 2.18 17.90
CA GLY A 200 -35.05 3.56 18.11
C GLY A 200 -33.92 4.43 18.64
N GLU A 201 -33.02 3.85 19.42
CA GLU A 201 -31.96 4.60 20.07
C GLU A 201 -30.70 4.72 19.21
N LEU A 202 -30.61 3.95 18.13
CA LEU A 202 -29.37 3.85 17.39
C LEU A 202 -29.04 5.16 16.67
N LYS A 203 -27.81 5.64 16.86
CA LYS A 203 -27.33 6.84 16.17
C LYS A 203 -26.18 6.55 15.20
N HIS A 204 -25.45 5.45 15.40
CA HIS A 204 -24.22 5.21 14.65
C HIS A 204 -24.06 3.70 14.52
N LEU A 205 -24.13 3.20 13.28
CA LEU A 205 -23.97 1.79 12.99
C LEU A 205 -22.87 1.61 11.95
N ALA A 206 -21.90 0.76 12.26
CA ALA A 206 -20.83 0.43 11.34
C ALA A 206 -20.67 -1.08 11.31
N ILE A 207 -20.75 -1.67 10.11
CA ILE A 207 -20.55 -3.10 9.92
C ILE A 207 -19.61 -3.30 8.74
N SER A 208 -18.78 -2.30 8.47
CA SER A 208 -17.93 -2.34 7.28
C SER A 208 -16.92 -3.48 7.37
N GLY A 209 -16.43 -3.88 6.20
CA GLY A 209 -15.36 -4.86 6.14
C GLY A 209 -15.74 -6.27 6.53
N ASN A 210 -17.00 -6.65 6.34
CA ASN A 210 -17.45 -8.02 6.50
C ASN A 210 -17.86 -8.57 5.13
N LYS A 211 -18.48 -9.74 5.13
CA LYS A 211 -19.04 -10.29 3.89
C LYS A 211 -20.55 -10.40 4.04
N ILE A 212 -21.17 -9.31 4.40
CA ILE A 212 -22.61 -9.26 4.59
C ILE A 212 -23.28 -8.95 3.27
N SER A 213 -24.48 -9.50 3.07
CA SER A 213 -25.25 -9.28 1.87
C SER A 213 -26.71 -9.11 2.30
N GLY A 214 -27.60 -9.10 1.31
CA GLY A 214 -29.02 -9.01 1.59
C GLY A 214 -29.53 -7.59 1.67
N ASP A 215 -30.49 -7.36 2.56
CA ASP A 215 -31.19 -6.08 2.65
C ASP A 215 -30.70 -5.27 3.84
N VAL A 216 -30.79 -3.95 3.70
CA VAL A 216 -30.46 -3.00 4.76
C VAL A 216 -31.69 -2.13 4.96
N ASP A 217 -32.40 -2.36 6.07
CA ASP A 217 -33.64 -1.64 6.37
C ASP A 217 -33.45 -0.90 7.69
N VAL A 218 -33.13 0.39 7.61
CA VAL A 218 -32.93 1.22 8.79
C VAL A 218 -34.03 2.27 8.85
N SER A 219 -35.18 1.98 8.25
CA SER A 219 -36.28 2.94 8.28
C SER A 219 -36.85 3.09 9.68
N ARG A 220 -36.76 2.05 10.51
CA ARG A 220 -37.22 2.13 11.88
C ARG A 220 -36.20 2.81 12.80
N CYS A 221 -34.98 3.03 12.33
CA CYS A 221 -33.95 3.72 13.12
C CYS A 221 -34.01 5.20 12.75
N VAL A 222 -34.98 5.90 13.36
CA VAL A 222 -35.28 7.27 12.95
C VAL A 222 -34.32 8.31 13.51
N ASN A 223 -33.45 7.93 14.44
CA ASN A 223 -32.40 8.81 14.92
C ASN A 223 -31.03 8.38 14.39
N LEU A 224 -30.99 7.50 13.41
CA LEU A 224 -29.73 7.05 12.83
C LEU A 224 -29.06 8.19 12.08
N GLU A 225 -27.85 8.56 12.52
CA GLU A 225 -27.09 9.65 11.91
C GLU A 225 -25.91 9.17 11.09
N PHE A 226 -25.43 7.95 11.32
CA PHE A 226 -24.21 7.44 10.70
C PHE A 226 -24.44 5.99 10.30
N LEU A 227 -24.25 5.68 9.02
CA LEU A 227 -24.43 4.32 8.52
C LEU A 227 -23.26 3.98 7.60
N ASP A 228 -22.51 2.95 7.98
CA ASP A 228 -21.35 2.50 7.21
C ASP A 228 -21.51 1.00 6.96
N VAL A 229 -21.97 0.64 5.76
CA VAL A 229 -22.11 -0.75 5.36
C VAL A 229 -21.09 -1.04 4.27
N SER A 230 -20.01 -0.27 4.24
CA SER A 230 -19.05 -0.34 3.16
C SER A 230 -18.24 -1.63 3.20
N SER A 231 -17.62 -1.94 2.07
CA SER A 231 -16.73 -3.09 1.94
C SER A 231 -17.39 -4.37 2.46
N ASN A 232 -18.55 -4.67 1.88
CA ASN A 232 -19.27 -5.90 2.19
C ASN A 232 -19.54 -6.62 0.87
N ASN A 233 -20.55 -7.48 0.86
CA ASN A 233 -20.92 -8.26 -0.31
C ASN A 233 -22.36 -7.94 -0.73
N PHE A 234 -22.74 -6.67 -0.64
CA PHE A 234 -24.08 -6.25 -1.03
C PHE A 234 -24.17 -6.13 -2.55
N SER A 235 -25.17 -6.79 -3.13
CA SER A 235 -25.32 -6.82 -4.58
C SER A 235 -26.76 -6.69 -5.04
N THR A 236 -27.71 -6.47 -4.13
CA THR A 236 -29.12 -6.44 -4.50
C THR A 236 -29.75 -5.10 -4.14
N GLY A 237 -30.54 -5.06 -3.08
CA GLY A 237 -31.30 -3.85 -2.78
C GLY A 237 -30.41 -2.73 -2.25
N ILE A 238 -30.70 -1.52 -2.70
CA ILE A 238 -30.10 -0.33 -2.05
C ILE A 238 -30.68 -0.21 -0.65
N PRO A 239 -29.90 0.19 0.35
CA PRO A 239 -30.47 0.32 1.70
C PRO A 239 -31.69 1.22 1.71
N PHE A 240 -32.71 0.80 2.47
CA PHE A 240 -33.92 1.58 2.62
C PHE A 240 -33.82 2.44 3.87
N LEU A 241 -34.01 3.75 3.70
CA LEU A 241 -33.75 4.73 4.74
C LEU A 241 -35.01 5.34 5.31
N GLY A 242 -36.18 5.00 4.79
CA GLY A 242 -37.40 5.60 5.29
C GLY A 242 -37.37 7.10 5.11
N ASP A 243 -37.88 7.82 6.11
CA ASP A 243 -37.87 9.27 6.04
C ASP A 243 -36.44 9.82 6.01
N CYS A 244 -35.45 9.02 6.40
CA CYS A 244 -34.06 9.47 6.40
C CYS A 244 -33.92 10.75 7.20
N SER A 245 -34.64 10.81 8.32
CA SER A 245 -34.81 12.07 9.03
C SER A 245 -33.49 12.57 9.62
N ALA A 246 -32.64 11.67 10.10
CA ALA A 246 -31.44 12.07 10.83
C ALA A 246 -30.14 11.74 10.12
N LEU A 247 -30.17 11.05 8.99
CA LEU A 247 -28.94 10.52 8.40
C LEU A 247 -28.04 11.66 7.90
N GLN A 248 -26.82 11.72 8.42
CA GLN A 248 -25.81 12.67 7.99
C GLN A 248 -24.64 12.02 7.26
N HIS A 249 -24.43 10.72 7.45
CA HIS A 249 -23.25 10.03 6.94
C HIS A 249 -23.71 8.72 6.34
N LEU A 250 -23.60 8.58 5.03
CA LEU A 250 -24.00 7.37 4.32
C LEU A 250 -22.83 6.85 3.51
N ASP A 251 -22.38 5.63 3.84
CA ASP A 251 -21.24 5.00 3.18
C ASP A 251 -21.67 3.61 2.75
N ILE A 252 -21.87 3.43 1.45
CA ILE A 252 -22.17 2.14 0.87
C ILE A 252 -21.10 1.72 -0.13
N SER A 253 -19.92 2.33 -0.05
CA SER A 253 -18.86 2.07 -1.01
C SER A 253 -18.32 0.64 -0.85
N GLY A 254 -17.59 0.20 -1.86
CA GLY A 254 -16.94 -1.09 -1.79
C GLY A 254 -17.89 -2.27 -1.78
N ASN A 255 -18.95 -2.21 -2.58
CA ASN A 255 -19.88 -3.32 -2.70
C ASN A 255 -20.04 -3.60 -4.20
N LYS A 256 -21.10 -4.33 -4.55
CA LYS A 256 -21.42 -4.56 -5.95
C LYS A 256 -22.83 -4.04 -6.24
N LEU A 257 -23.08 -2.77 -5.92
CA LEU A 257 -24.40 -2.19 -6.07
C LEU A 257 -24.57 -1.53 -7.42
N SER A 258 -25.81 -1.55 -7.92
CA SER A 258 -26.12 -0.92 -9.19
C SER A 258 -27.52 -0.35 -9.25
N GLY A 259 -28.31 -0.42 -8.19
CA GLY A 259 -29.69 -0.01 -8.22
C GLY A 259 -29.84 1.50 -8.23
N ASP A 260 -31.09 1.93 -7.98
CA ASP A 260 -31.47 3.34 -8.05
C ASP A 260 -31.29 3.95 -6.67
N PHE A 261 -30.04 4.29 -6.34
CA PHE A 261 -29.76 4.94 -5.07
C PHE A 261 -30.31 6.35 -5.02
N SER A 262 -30.50 6.99 -6.17
CA SER A 262 -31.08 8.33 -6.20
C SER A 262 -32.45 8.35 -5.50
N ARG A 263 -33.33 7.41 -5.87
CA ARG A 263 -34.62 7.32 -5.21
C ARG A 263 -34.47 6.96 -3.73
N ALA A 264 -33.42 6.20 -3.39
CA ALA A 264 -33.27 5.71 -2.03
C ALA A 264 -32.88 6.82 -1.05
N ILE A 265 -32.19 7.86 -1.54
CA ILE A 265 -31.71 8.93 -0.68
C ILE A 265 -32.42 10.25 -0.96
N SER A 266 -33.46 10.24 -1.80
CA SER A 266 -34.07 11.49 -2.22
C SER A 266 -34.56 12.31 -1.04
N THR A 267 -35.00 11.66 0.03
CA THR A 267 -35.55 12.34 1.20
C THR A 267 -34.50 12.61 2.28
N CYS A 268 -33.21 12.49 1.96
CA CYS A 268 -32.15 12.65 2.95
C CYS A 268 -31.69 14.09 2.96
N THR A 269 -32.47 14.94 3.64
CA THR A 269 -32.21 16.38 3.65
C THR A 269 -31.01 16.76 4.51
N GLU A 270 -30.55 15.87 5.39
CA GLU A 270 -29.46 16.16 6.31
C GLU A 270 -28.15 15.51 5.91
N LEU A 271 -28.11 14.85 4.75
CA LEU A 271 -26.94 14.08 4.36
C LEU A 271 -25.75 15.01 4.14
N LYS A 272 -24.70 14.82 4.95
CA LYS A 272 -23.46 15.58 4.82
C LYS A 272 -22.37 14.83 4.08
N LEU A 273 -22.33 13.50 4.20
CA LEU A 273 -21.36 12.68 3.48
C LEU A 273 -22.09 11.56 2.78
N LEU A 274 -21.78 11.37 1.50
CA LEU A 274 -22.36 10.29 0.70
C LEU A 274 -21.22 9.63 -0.08
N ASN A 275 -20.94 8.38 0.25
CA ASN A 275 -19.86 7.63 -0.36
C ASN A 275 -20.45 6.37 -0.99
N ILE A 276 -20.58 6.38 -2.32
CA ILE A 276 -21.09 5.24 -3.06
C ILE A 276 -20.02 4.65 -3.98
N SER A 277 -18.75 4.99 -3.73
CA SER A 277 -17.69 4.64 -4.64
C SER A 277 -17.44 3.12 -4.62
N SER A 278 -16.68 2.67 -5.62
CA SER A 278 -16.34 1.26 -5.76
C SER A 278 -17.61 0.40 -5.72
N ASN A 279 -18.46 0.63 -6.71
CA ASN A 279 -19.68 -0.14 -6.90
C ASN A 279 -19.86 -0.36 -8.40
N GLN A 280 -21.05 -0.78 -8.79
CA GLN A 280 -21.37 -1.07 -10.18
C GLN A 280 -22.48 -0.17 -10.70
N PHE A 281 -22.50 1.08 -10.25
CA PHE A 281 -23.47 2.04 -10.74
C PHE A 281 -23.10 2.52 -12.13
N VAL A 282 -24.11 2.94 -12.89
CA VAL A 282 -23.96 3.32 -14.29
C VAL A 282 -24.86 4.51 -14.59
N GLY A 283 -24.68 5.06 -15.79
CA GLY A 283 -25.52 6.13 -16.29
C GLY A 283 -25.01 7.49 -15.91
N PRO A 284 -25.79 8.53 -16.21
CA PRO A 284 -25.41 9.88 -15.80
C PRO A 284 -25.64 10.08 -14.31
N ILE A 285 -25.12 11.19 -13.79
CA ILE A 285 -25.25 11.49 -12.37
C ILE A 285 -26.72 11.78 -12.09
N PRO A 286 -27.39 10.98 -11.27
CA PRO A 286 -28.83 11.17 -11.05
C PRO A 286 -29.07 12.31 -10.08
N PRO A 287 -30.34 12.61 -9.78
CA PRO A 287 -30.63 13.62 -8.75
C PRO A 287 -30.03 13.21 -7.42
N LEU A 288 -29.58 14.20 -6.66
CA LEU A 288 -28.95 13.98 -5.37
C LEU A 288 -29.42 15.02 -4.38
N PRO A 289 -29.48 14.67 -3.08
CA PRO A 289 -29.78 15.68 -2.05
C PRO A 289 -28.54 16.50 -1.73
N LEU A 290 -28.55 17.77 -2.13
CA LEU A 290 -27.39 18.63 -2.07
C LEU A 290 -27.48 19.69 -0.98
N LYS A 291 -28.60 19.75 -0.25
CA LYS A 291 -28.79 20.81 0.74
C LYS A 291 -27.64 20.86 1.74
N SER A 292 -27.30 19.74 2.35
CA SER A 292 -26.29 19.70 3.41
C SER A 292 -25.01 18.98 2.98
N LEU A 293 -24.87 18.68 1.69
CA LEU A 293 -23.81 17.77 1.25
C LEU A 293 -22.45 18.42 1.37
N GLN A 294 -21.53 17.72 2.05
CA GLN A 294 -20.15 18.17 2.22
C GLN A 294 -19.14 17.29 1.50
N TYR A 295 -19.26 15.97 1.59
CA TYR A 295 -18.41 15.05 0.85
C TYR A 295 -19.26 14.18 -0.05
N LEU A 296 -18.87 14.09 -1.32
CA LEU A 296 -19.57 13.27 -2.31
C LEU A 296 -18.51 12.49 -3.09
N SER A 297 -18.63 11.17 -3.09
CA SER A 297 -17.74 10.31 -3.88
C SER A 297 -18.58 9.34 -4.70
N LEU A 298 -18.46 9.47 -6.02
CA LEU A 298 -19.02 8.50 -6.97
C LEU A 298 -17.93 7.64 -7.58
N ALA A 299 -16.75 7.60 -6.94
CA ALA A 299 -15.55 7.08 -7.58
C ALA A 299 -15.67 5.60 -7.87
N GLU A 300 -14.92 5.15 -8.88
CA GLU A 300 -14.79 3.73 -9.20
C GLU A 300 -16.16 3.11 -9.46
N ASN A 301 -16.92 3.77 -10.34
CA ASN A 301 -18.16 3.20 -10.87
C ASN A 301 -18.08 3.28 -12.38
N LYS A 302 -19.24 3.31 -13.04
CA LYS A 302 -19.29 3.42 -14.50
C LYS A 302 -20.22 4.54 -14.93
N PHE A 303 -20.29 5.60 -14.12
CA PHE A 303 -21.10 6.76 -14.49
C PHE A 303 -20.59 7.38 -15.79
N THR A 304 -21.51 7.94 -16.56
CA THR A 304 -21.22 8.46 -17.90
C THR A 304 -21.71 9.90 -17.99
N GLY A 305 -21.43 10.52 -19.14
CA GLY A 305 -21.84 11.88 -19.38
C GLY A 305 -20.84 12.89 -18.86
N GLU A 306 -21.27 14.14 -18.85
CA GLU A 306 -20.47 15.24 -18.34
C GLU A 306 -21.06 15.72 -17.02
N ILE A 307 -20.24 16.44 -16.26
CA ILE A 307 -20.64 16.88 -14.93
C ILE A 307 -21.89 17.74 -15.08
N PRO A 308 -23.02 17.32 -14.54
CA PRO A 308 -24.26 18.11 -14.71
C PRO A 308 -24.17 19.45 -14.00
N ASP A 309 -25.01 20.38 -14.45
CA ASP A 309 -25.04 21.70 -13.85
C ASP A 309 -25.80 21.72 -12.52
N PHE A 310 -26.73 20.78 -12.31
CA PHE A 310 -27.49 20.79 -11.07
C PHE A 310 -26.63 20.54 -9.85
N LEU A 311 -25.38 20.08 -10.03
CA LEU A 311 -24.49 19.92 -8.89
C LEU A 311 -24.05 21.25 -8.31
N SER A 312 -24.19 22.34 -9.06
CA SER A 312 -23.85 23.66 -8.54
C SER A 312 -24.62 23.97 -7.26
N GLY A 313 -25.76 23.31 -7.03
CA GLY A 313 -26.51 23.52 -5.79
C GLY A 313 -25.74 23.15 -4.55
N ALA A 314 -24.73 22.28 -4.68
CA ALA A 314 -23.95 21.84 -3.54
C ALA A 314 -22.81 22.77 -3.20
N CYS A 315 -22.48 23.73 -4.07
CA CYS A 315 -21.29 24.55 -3.86
C CYS A 315 -21.36 25.39 -2.60
N ASP A 316 -22.54 25.54 -1.98
CA ASP A 316 -22.61 26.27 -0.72
C ASP A 316 -21.97 25.50 0.42
N THR A 317 -21.81 24.18 0.27
CA THR A 317 -21.37 23.32 1.38
C THR A 317 -20.32 22.30 0.98
N LEU A 318 -20.05 22.10 -0.31
CA LEU A 318 -19.23 21.00 -0.76
C LEU A 318 -17.76 21.24 -0.40
N THR A 319 -17.17 20.34 0.38
CA THR A 319 -15.77 20.42 0.75
C THR A 319 -14.89 19.38 0.08
N GLY A 320 -15.47 18.29 -0.43
CA GLY A 320 -14.71 17.27 -1.11
C GLY A 320 -15.51 16.59 -2.19
N LEU A 321 -14.93 16.47 -3.38
CA LEU A 321 -15.59 15.86 -4.53
C LEU A 321 -14.66 14.82 -5.12
N ASP A 322 -15.17 13.60 -5.32
CA ASP A 322 -14.41 12.52 -5.93
C ASP A 322 -15.27 11.90 -7.03
N LEU A 323 -14.96 12.25 -8.28
CA LEU A 323 -15.57 11.64 -9.45
C LEU A 323 -14.60 10.71 -10.17
N SER A 324 -13.50 10.34 -9.51
CA SER A 324 -12.45 9.57 -10.16
C SER A 324 -12.95 8.20 -10.60
N GLY A 325 -12.36 7.70 -11.68
CA GLY A 325 -12.57 6.32 -12.09
C GLY A 325 -13.92 6.04 -12.73
N ASN A 326 -14.44 6.96 -13.52
CA ASN A 326 -15.69 6.75 -14.23
C ASN A 326 -15.45 6.99 -15.72
N HIS A 327 -16.53 7.26 -16.45
CA HIS A 327 -16.47 7.55 -17.88
C HIS A 327 -16.96 8.97 -18.16
N PHE A 328 -16.59 9.90 -17.30
CA PHE A 328 -16.97 11.30 -17.49
C PHE A 328 -16.14 11.92 -18.60
N TYR A 329 -16.70 12.96 -19.23
CA TYR A 329 -16.01 13.68 -20.29
C TYR A 329 -16.42 15.13 -20.26
N GLY A 330 -15.71 15.93 -21.06
CA GLY A 330 -15.97 17.35 -21.17
C GLY A 330 -14.97 18.18 -20.40
N ALA A 331 -15.26 19.48 -20.36
CA ALA A 331 -14.45 20.39 -19.57
C ALA A 331 -14.94 20.38 -18.14
N VAL A 332 -14.25 21.12 -17.28
CA VAL A 332 -14.71 21.33 -15.91
C VAL A 332 -15.75 22.45 -15.95
N PRO A 333 -17.03 22.17 -15.68
CA PRO A 333 -18.02 23.23 -15.69
C PRO A 333 -17.54 24.45 -14.92
N PRO A 334 -17.94 25.66 -15.32
CA PRO A 334 -17.50 26.85 -14.59
C PRO A 334 -18.29 27.14 -13.33
N PHE A 335 -19.42 26.45 -13.09
CA PHE A 335 -20.13 26.65 -11.83
C PHE A 335 -19.24 26.31 -10.65
N PHE A 336 -18.24 25.46 -10.87
CA PHE A 336 -17.28 25.12 -9.81
C PHE A 336 -16.61 26.36 -9.24
N GLY A 337 -16.64 27.48 -9.95
CA GLY A 337 -16.05 28.70 -9.41
C GLY A 337 -16.69 29.13 -8.11
N SER A 338 -17.98 28.83 -7.93
CA SER A 338 -18.68 29.17 -6.70
C SER A 338 -18.49 28.13 -5.60
N CYS A 339 -17.93 26.96 -5.92
CA CYS A 339 -17.60 25.97 -4.91
C CYS A 339 -16.38 26.45 -4.11
N SER A 340 -16.57 27.51 -3.32
CA SER A 340 -15.46 28.15 -2.63
C SER A 340 -14.95 27.36 -1.43
N LEU A 341 -15.74 26.41 -0.92
CA LEU A 341 -15.33 25.59 0.21
C LEU A 341 -14.68 24.27 -0.22
N LEU A 342 -14.54 24.03 -1.51
CA LEU A 342 -14.04 22.76 -2.01
C LEU A 342 -12.55 22.62 -1.68
N GLU A 343 -12.21 21.69 -0.79
CA GLU A 343 -10.82 21.48 -0.40
C GLU A 343 -10.11 20.47 -1.28
N SER A 344 -10.82 19.48 -1.80
CA SER A 344 -10.23 18.46 -2.67
C SER A 344 -11.15 18.27 -3.87
N LEU A 345 -10.54 18.24 -5.06
CA LEU A 345 -11.26 18.03 -6.32
C LEU A 345 -10.59 16.88 -7.06
N ALA A 346 -11.14 15.68 -6.92
CA ALA A 346 -10.59 14.50 -7.56
C ALA A 346 -11.44 14.16 -8.79
N LEU A 347 -10.83 14.29 -9.97
CA LEU A 347 -11.51 13.99 -11.23
C LEU A 347 -10.71 13.00 -12.07
N SER A 348 -9.79 12.27 -11.45
CA SER A 348 -8.82 11.51 -12.21
C SER A 348 -9.46 10.29 -12.86
N SER A 349 -8.77 9.76 -13.88
CA SER A 349 -9.20 8.54 -14.57
C SER A 349 -10.60 8.72 -15.16
N ASN A 350 -10.77 9.79 -15.92
CA ASN A 350 -11.95 9.98 -16.76
C ASN A 350 -11.47 10.40 -18.15
N ASN A 351 -12.21 11.28 -18.82
CA ASN A 351 -11.83 11.74 -20.15
C ASN A 351 -12.06 13.24 -20.26
N PHE A 352 -11.74 13.98 -19.20
CA PHE A 352 -11.87 15.42 -19.24
C PHE A 352 -10.78 16.03 -20.12
N SER A 353 -11.16 17.05 -20.89
CA SER A 353 -10.29 17.66 -21.89
C SER A 353 -10.31 19.17 -21.72
N GLY A 354 -9.57 19.86 -22.58
CA GLY A 354 -9.41 21.30 -22.52
C GLY A 354 -8.14 21.70 -21.80
N GLU A 355 -7.88 23.00 -21.80
CA GLU A 355 -6.74 23.53 -21.09
C GLU A 355 -7.04 23.58 -19.60
N LEU A 356 -5.98 23.71 -18.80
CA LEU A 356 -6.11 23.82 -17.36
C LEU A 356 -7.09 24.94 -17.02
N PRO A 357 -8.31 24.63 -16.56
CA PRO A 357 -9.32 25.69 -16.38
C PRO A 357 -8.97 26.62 -15.22
N MET A 358 -7.93 27.43 -15.37
CA MET A 358 -7.55 28.36 -14.32
C MET A 358 -8.66 29.36 -14.05
N ASP A 359 -9.44 29.72 -15.08
CA ASP A 359 -10.53 30.67 -14.89
C ASP A 359 -11.43 30.28 -13.72
N THR A 360 -11.45 29.00 -13.35
CA THR A 360 -12.26 28.48 -12.26
C THR A 360 -11.45 28.12 -11.03
N LEU A 361 -10.24 27.59 -11.21
CA LEU A 361 -9.49 27.05 -10.08
C LEU A 361 -9.13 28.15 -9.08
N LEU A 362 -8.71 29.32 -9.57
CA LEU A 362 -8.29 30.38 -8.65
C LEU A 362 -9.43 30.88 -7.79
N LYS A 363 -10.68 30.73 -8.24
CA LYS A 363 -11.81 31.12 -7.41
C LYS A 363 -12.01 30.16 -6.24
N MET A 364 -11.44 28.95 -6.32
CA MET A 364 -11.55 27.97 -5.25
C MET A 364 -10.53 28.34 -4.18
N ARG A 365 -10.90 29.35 -3.37
CA ARG A 365 -9.99 29.85 -2.35
C ARG A 365 -9.62 28.78 -1.34
N GLY A 366 -10.42 27.74 -1.19
CA GLY A 366 -10.16 26.71 -0.20
C GLY A 366 -9.46 25.47 -0.73
N LEU A 367 -9.26 25.41 -2.04
CA LEU A 367 -8.72 24.20 -2.65
C LEU A 367 -7.35 23.86 -2.07
N LYS A 368 -7.21 22.63 -1.61
CA LYS A 368 -5.95 22.10 -1.10
C LYS A 368 -5.43 20.90 -1.88
N VAL A 369 -6.31 20.14 -2.51
CA VAL A 369 -5.93 18.96 -3.30
C VAL A 369 -6.59 19.08 -4.67
N LEU A 370 -5.80 18.90 -5.72
CA LEU A 370 -6.27 19.01 -7.10
C LEU A 370 -5.74 17.81 -7.88
N ASP A 371 -6.63 16.89 -8.24
CA ASP A 371 -6.24 15.65 -8.91
C ASP A 371 -6.99 15.54 -10.23
N LEU A 372 -6.32 15.91 -11.32
CA LEU A 372 -6.83 15.75 -12.67
C LEU A 372 -6.09 14.65 -13.43
N SER A 373 -5.39 13.77 -12.72
CA SER A 373 -4.53 12.80 -13.38
C SER A 373 -5.34 11.86 -14.27
N PHE A 374 -4.64 11.22 -15.20
CA PHE A 374 -5.23 10.23 -16.09
C PHE A 374 -6.43 10.81 -16.85
N ASN A 375 -6.22 11.96 -17.47
CA ASN A 375 -7.24 12.59 -18.30
C ASN A 375 -6.57 13.02 -19.61
N GLU A 376 -7.23 13.93 -20.33
CA GLU A 376 -6.70 14.48 -21.58
C GLU A 376 -6.70 16.00 -21.52
N PHE A 377 -6.29 16.56 -20.39
CA PHE A 377 -6.06 17.99 -20.31
C PHE A 377 -4.79 18.34 -21.07
N SER A 378 -4.90 19.32 -21.96
CA SER A 378 -3.83 19.70 -22.88
C SER A 378 -3.43 21.15 -22.63
N GLY A 379 -2.47 21.61 -23.43
CA GLY A 379 -2.00 22.97 -23.36
C GLY A 379 -0.81 23.13 -22.42
N GLU A 380 -0.26 24.34 -22.43
CA GLU A 380 0.84 24.67 -21.54
C GLU A 380 0.30 25.02 -20.15
N LEU A 381 1.20 25.27 -19.21
CA LEU A 381 0.81 25.62 -17.85
C LEU A 381 0.64 27.13 -17.78
N PRO A 382 -0.59 27.65 -17.73
CA PRO A 382 -0.76 29.11 -17.61
C PRO A 382 0.00 29.67 -16.42
N GLU A 383 0.53 30.89 -16.60
CA GLU A 383 1.36 31.49 -15.57
C GLU A 383 0.62 31.58 -14.24
N SER A 384 -0.69 31.89 -14.29
CA SER A 384 -1.48 32.02 -13.08
C SER A 384 -1.44 30.77 -12.20
N LEU A 385 -0.94 29.64 -12.72
CA LEU A 385 -0.88 28.42 -11.92
C LEU A 385 0.07 28.58 -10.75
N THR A 386 1.06 29.46 -10.86
CA THR A 386 2.01 29.64 -9.76
C THR A 386 1.34 30.13 -8.49
N ASN A 387 0.17 30.78 -8.60
CA ASN A 387 -0.53 31.25 -7.40
C ASN A 387 -1.05 30.08 -6.58
N LEU A 388 -1.57 29.04 -7.24
CA LEU A 388 -2.14 27.90 -6.50
C LEU A 388 -1.07 27.21 -5.65
N SER A 389 0.20 27.32 -6.03
CA SER A 389 1.27 26.74 -5.22
C SER A 389 1.15 27.14 -3.76
N ALA A 390 0.78 28.40 -3.51
CA ALA A 390 0.75 28.93 -2.15
C ALA A 390 -0.46 28.47 -1.34
N SER A 391 -1.38 27.71 -1.93
CA SER A 391 -2.55 27.25 -1.21
C SER A 391 -2.70 25.74 -1.32
N LEU A 392 -2.33 25.17 -2.47
CA LEU A 392 -2.45 23.73 -2.68
C LEU A 392 -1.44 22.98 -1.82
N LEU A 393 -1.86 21.78 -1.41
CA LEU A 393 -0.93 20.79 -0.86
C LEU A 393 -0.56 19.72 -1.87
N THR A 394 -1.46 19.41 -2.81
CA THR A 394 -1.24 18.37 -3.80
C THR A 394 -1.70 18.87 -5.15
N LEU A 395 -0.76 18.95 -6.10
CA LEU A 395 -1.06 19.27 -7.49
C LEU A 395 -0.73 18.04 -8.33
N ASP A 396 -1.75 17.29 -8.70
CA ASP A 396 -1.59 16.06 -9.47
C ASP A 396 -2.14 16.29 -10.87
N LEU A 397 -1.24 16.41 -11.85
CA LEU A 397 -1.60 16.54 -13.25
C LEU A 397 -1.06 15.38 -14.08
N SER A 398 -0.65 14.29 -13.42
CA SER A 398 0.03 13.20 -14.11
C SER A 398 -0.87 12.57 -15.16
N SER A 399 -0.23 12.09 -16.24
CA SER A 399 -0.91 11.38 -17.32
C SER A 399 -1.93 12.28 -18.02
N ASN A 400 -1.39 13.29 -18.71
CA ASN A 400 -2.19 14.21 -19.50
C ASN A 400 -1.37 14.63 -20.72
N ASN A 401 -1.88 15.61 -21.47
CA ASN A 401 -1.23 16.10 -22.69
C ASN A 401 -0.59 17.48 -22.48
N PHE A 402 -0.19 17.78 -21.25
CA PHE A 402 0.40 19.09 -20.97
C PHE A 402 1.77 19.21 -21.62
N SER A 403 2.00 20.34 -22.27
CA SER A 403 3.25 20.64 -22.97
C SER A 403 3.85 21.92 -22.42
N GLY A 404 5.02 22.28 -22.94
CA GLY A 404 5.75 23.43 -22.47
C GLY A 404 6.68 23.06 -21.33
N PRO A 405 7.33 24.05 -20.74
CA PRO A 405 8.27 23.79 -19.65
C PRO A 405 7.60 23.85 -18.28
N ILE A 406 8.38 23.51 -17.26
CA ILE A 406 7.96 23.67 -15.88
C ILE A 406 8.10 25.13 -15.49
N LEU A 407 7.03 25.71 -14.95
CA LEU A 407 7.04 27.12 -14.56
C LEU A 407 8.22 27.41 -13.65
N PRO A 408 9.20 28.21 -14.08
CA PRO A 408 10.25 28.62 -13.14
C PRO A 408 9.72 29.47 -12.01
N ASN A 409 8.71 30.31 -12.28
CA ASN A 409 8.11 31.16 -11.26
C ASN A 409 7.26 30.38 -10.25
N LEU A 410 7.18 29.06 -10.39
CA LEU A 410 6.44 28.26 -9.43
C LEU A 410 7.13 28.31 -8.07
N CYS A 411 6.32 28.33 -7.01
CA CYS A 411 6.78 28.35 -5.61
C CYS A 411 7.54 29.62 -5.26
N GLN A 412 7.64 30.59 -6.19
CA GLN A 412 8.28 31.86 -5.86
C GLN A 412 7.44 32.67 -4.89
N ASN A 413 6.17 32.34 -4.75
CA ASN A 413 5.33 33.00 -3.75
C ASN A 413 5.77 32.54 -2.36
N PRO A 414 6.11 33.44 -1.45
CA PRO A 414 6.64 33.00 -0.15
C PRO A 414 5.62 32.18 0.62
N LYS A 415 6.12 31.46 1.63
CA LYS A 415 5.30 30.61 2.47
C LYS A 415 4.43 29.68 1.64
N ASN A 416 4.98 29.21 0.52
CA ASN A 416 4.30 28.18 -0.26
C ASN A 416 4.06 26.97 0.63
N THR A 417 3.04 26.19 0.28
CA THR A 417 2.64 25.04 1.08
C THR A 417 2.58 23.75 0.28
N LEU A 418 3.01 23.77 -0.98
CA LEU A 418 2.89 22.59 -1.83
C LEU A 418 3.72 21.43 -1.27
N GLN A 419 3.09 20.27 -1.13
CA GLN A 419 3.74 19.08 -0.59
C GLN A 419 3.93 17.96 -1.62
N GLU A 420 3.01 17.80 -2.57
CA GLU A 420 3.11 16.79 -3.60
C GLU A 420 2.97 17.45 -4.96
N LEU A 421 3.96 17.26 -5.83
CA LEU A 421 3.92 17.74 -7.20
C LEU A 421 4.05 16.54 -8.12
N TYR A 422 2.96 16.19 -8.79
CA TYR A 422 2.89 15.03 -9.67
C TYR A 422 2.63 15.52 -11.09
N LEU A 423 3.69 15.60 -11.90
CA LEU A 423 3.59 16.02 -13.29
C LEU A 423 4.03 14.92 -14.26
N GLN A 424 4.16 13.69 -13.81
CA GLN A 424 4.75 12.65 -14.64
C GLN A 424 3.81 12.25 -15.78
N ASN A 425 4.41 11.74 -16.85
CA ASN A 425 3.69 11.27 -18.03
C ASN A 425 2.94 12.41 -18.72
N ASN A 426 3.70 13.42 -19.11
CA ASN A 426 3.18 14.52 -19.92
C ASN A 426 4.18 14.77 -21.05
N GLY A 427 4.12 15.96 -21.64
CA GLY A 427 5.05 16.33 -22.69
C GLY A 427 5.88 17.54 -22.32
N PHE A 428 6.23 17.67 -21.05
CA PHE A 428 6.99 18.82 -20.60
C PHE A 428 8.41 18.77 -21.16
N THR A 429 8.89 19.92 -21.63
CA THR A 429 10.23 20.06 -22.16
C THR A 429 11.01 21.05 -21.30
N GLY A 430 12.29 21.18 -21.62
CA GLY A 430 13.15 22.10 -20.89
C GLY A 430 13.82 21.46 -19.69
N LYS A 431 14.15 22.27 -18.70
CA LYS A 431 14.96 21.86 -17.56
C LYS A 431 14.11 21.82 -16.30
N ILE A 432 14.69 21.25 -15.25
CA ILE A 432 14.08 21.27 -13.92
C ILE A 432 14.43 22.60 -13.27
N PRO A 433 13.46 23.50 -13.06
CA PRO A 433 13.79 24.80 -12.48
C PRO A 433 14.29 24.65 -11.05
N PRO A 434 15.50 25.14 -10.75
CA PRO A 434 15.96 25.10 -9.35
C PRO A 434 15.04 25.82 -8.39
N THR A 435 14.11 26.65 -8.90
CA THR A 435 13.16 27.32 -8.03
C THR A 435 12.25 26.35 -7.30
N LEU A 436 12.14 25.12 -7.79
CA LEU A 436 11.39 24.10 -7.06
C LEU A 436 11.95 23.87 -5.67
N SER A 437 13.20 24.28 -5.42
CA SER A 437 13.76 24.23 -4.09
C SER A 437 13.05 25.17 -3.13
N ASN A 438 12.32 26.16 -3.65
CA ASN A 438 11.56 27.05 -2.77
C ASN A 438 10.39 26.32 -2.13
N CYS A 439 9.80 25.36 -2.82
CA CYS A 439 8.72 24.57 -2.23
C CYS A 439 9.28 23.82 -1.04
N SER A 440 9.48 24.53 0.08
CA SER A 440 10.17 23.94 1.22
C SER A 440 9.39 22.80 1.83
N GLU A 441 8.05 22.82 1.71
CA GLU A 441 7.21 21.79 2.28
C GLU A 441 7.07 20.56 1.37
N LEU A 442 7.83 20.51 0.27
CA LEU A 442 7.67 19.43 -0.69
C LEU A 442 8.14 18.11 -0.07
N VAL A 443 7.27 17.10 -0.14
CA VAL A 443 7.61 15.76 0.35
C VAL A 443 7.75 14.76 -0.79
N SER A 444 7.08 14.97 -1.92
CA SER A 444 7.13 14.04 -3.04
C SER A 444 7.20 14.83 -4.34
N LEU A 445 8.16 14.47 -5.20
CA LEU A 445 8.39 15.16 -6.46
C LEU A 445 8.49 14.12 -7.56
N HIS A 446 7.62 14.23 -8.57
CA HIS A 446 7.50 13.24 -9.64
C HIS A 446 7.45 13.96 -10.99
N LEU A 447 8.60 14.07 -11.65
CA LEU A 447 8.71 14.64 -12.98
C LEU A 447 9.03 13.58 -14.03
N SER A 448 8.77 12.31 -13.73
CA SER A 448 9.15 11.21 -14.60
C SER A 448 8.32 11.20 -15.88
N PHE A 449 8.72 10.36 -16.82
CA PHE A 449 8.02 10.18 -18.08
C PHE A 449 7.74 11.53 -18.76
N ASN A 450 8.82 12.21 -19.11
CA ASN A 450 8.74 13.50 -19.78
C ASN A 450 9.97 13.65 -20.69
N TYR A 451 10.21 14.86 -21.16
CA TYR A 451 11.31 15.18 -22.05
C TYR A 451 12.19 16.27 -21.45
N LEU A 452 12.43 16.18 -20.15
CA LEU A 452 13.23 17.18 -19.45
C LEU A 452 14.71 16.99 -19.77
N SER A 453 15.37 18.08 -20.13
CA SER A 453 16.79 18.09 -20.41
C SER A 453 17.53 18.75 -19.24
N GLY A 454 18.83 18.99 -19.43
CA GLY A 454 19.61 19.61 -18.38
C GLY A 454 19.97 18.59 -17.30
N THR A 455 20.35 19.11 -16.15
CA THR A 455 20.82 18.31 -15.04
C THR A 455 19.84 18.38 -13.88
N ILE A 456 20.17 17.65 -12.82
CA ILE A 456 19.41 17.69 -11.57
C ILE A 456 19.96 18.83 -10.73
N PRO A 457 19.21 19.89 -10.47
CA PRO A 457 19.78 21.03 -9.73
C PRO A 457 20.14 20.64 -8.32
N SER A 458 21.34 21.04 -7.88
CA SER A 458 21.77 20.75 -6.52
C SER A 458 20.86 21.38 -5.48
N SER A 459 20.10 22.41 -5.85
CA SER A 459 19.21 23.07 -4.90
C SER A 459 18.15 22.13 -4.35
N LEU A 460 17.87 21.02 -5.04
CA LEU A 460 16.90 20.05 -4.53
C LEU A 460 17.36 19.44 -3.21
N GLY A 461 18.64 19.56 -2.88
CA GLY A 461 19.12 19.09 -1.60
C GLY A 461 18.63 19.90 -0.42
N SER A 462 18.08 21.10 -0.67
CA SER A 462 17.54 21.94 0.38
C SER A 462 16.10 21.58 0.74
N LEU A 463 15.53 20.55 0.11
CA LEU A 463 14.19 20.08 0.45
C LEU A 463 14.31 19.16 1.66
N SER A 464 14.37 19.78 2.84
CA SER A 464 14.61 19.06 4.08
C SER A 464 13.52 18.03 4.40
N LYS A 465 12.37 18.10 3.73
CA LYS A 465 11.27 17.19 3.98
C LYS A 465 10.99 16.26 2.81
N LEU A 466 11.80 16.31 1.75
CA LEU A 466 11.54 15.50 0.57
C LEU A 466 11.80 14.03 0.87
N ARG A 467 10.79 13.20 0.61
CA ARG A 467 10.90 11.75 0.74
C ARG A 467 11.03 11.05 -0.61
N ASP A 468 10.24 11.46 -1.60
CA ASP A 468 10.21 10.82 -2.92
C ASP A 468 10.80 11.78 -3.95
N LEU A 469 11.86 11.35 -4.62
CA LEU A 469 12.42 12.06 -5.77
C LEU A 469 12.44 11.11 -6.95
N LYS A 470 11.53 11.32 -7.90
CA LYS A 470 11.33 10.41 -9.02
C LYS A 470 11.39 11.23 -10.30
N LEU A 471 12.41 10.98 -11.13
CA LEU A 471 12.64 11.75 -12.35
C LEU A 471 12.97 10.83 -13.53
N TRP A 472 12.43 9.61 -13.55
CA TRP A 472 12.90 8.63 -14.52
C TRP A 472 12.18 8.77 -15.85
N LEU A 473 12.84 8.25 -16.89
CA LEU A 473 12.46 8.45 -18.30
C LEU A 473 12.38 9.94 -18.62
N ASN A 474 13.55 10.58 -18.58
CA ASN A 474 13.73 11.91 -19.11
C ASN A 474 14.98 11.92 -19.98
N MET A 475 15.67 13.06 -20.06
CA MET A 475 16.94 13.15 -20.77
C MET A 475 17.97 13.90 -19.93
N LEU A 476 17.90 13.72 -18.62
CA LEU A 476 18.77 14.44 -17.70
C LEU A 476 20.22 13.99 -17.87
N GLU A 477 21.12 14.94 -18.07
CA GLU A 477 22.54 14.68 -18.16
C GLU A 477 23.21 15.06 -16.84
N GLY A 478 24.54 14.96 -16.83
CA GLY A 478 25.31 15.36 -15.68
C GLY A 478 25.33 14.28 -14.61
N GLU A 479 25.89 14.68 -13.47
CA GLU A 479 26.07 13.78 -12.34
C GLU A 479 24.94 13.95 -11.33
N ILE A 480 24.96 13.09 -10.32
CA ILE A 480 23.96 13.15 -9.24
C ILE A 480 24.44 14.17 -8.20
N PRO A 481 23.56 15.06 -7.71
CA PRO A 481 24.01 16.08 -6.76
C PRO A 481 24.26 15.48 -5.39
N GLN A 482 25.44 15.76 -4.83
CA GLN A 482 25.74 15.32 -3.48
C GLN A 482 24.97 16.10 -2.42
N GLU A 483 24.41 17.25 -2.77
CA GLU A 483 23.59 17.99 -1.82
C GLU A 483 22.39 17.20 -1.32
N LEU A 484 22.11 16.04 -1.92
CA LEU A 484 21.08 15.16 -1.39
C LEU A 484 21.47 14.58 -0.03
N MET A 485 22.75 14.66 0.35
CA MET A 485 23.16 14.22 1.68
C MET A 485 22.46 15.02 2.76
N TYR A 486 21.99 16.22 2.45
CA TYR A 486 21.23 17.03 3.40
C TYR A 486 19.77 16.59 3.51
N VAL A 487 19.31 15.73 2.61
CA VAL A 487 17.92 15.25 2.64
C VAL A 487 17.93 13.97 3.46
N LYS A 488 17.94 14.13 4.78
CA LYS A 488 17.96 12.99 5.69
C LYS A 488 16.66 12.19 5.63
N THR A 489 15.61 12.74 5.03
CA THR A 489 14.30 12.09 4.95
C THR A 489 14.10 11.36 3.62
N LEU A 490 15.08 11.37 2.73
CA LEU A 490 14.93 10.74 1.42
C LEU A 490 14.63 9.26 1.57
N GLU A 491 13.48 8.83 1.03
CA GLU A 491 13.08 7.43 1.07
C GLU A 491 13.28 6.73 -0.26
N THR A 492 12.77 7.32 -1.35
CA THR A 492 12.93 6.75 -2.68
C THR A 492 13.76 7.69 -3.54
N LEU A 493 14.46 7.11 -4.51
CA LEU A 493 15.32 7.87 -5.42
C LEU A 493 15.30 7.15 -6.77
N ILE A 494 14.41 7.59 -7.64
CA ILE A 494 14.11 6.90 -8.90
C ILE A 494 14.59 7.79 -10.04
N LEU A 495 15.60 7.32 -10.79
CA LEU A 495 16.18 8.10 -11.87
C LEU A 495 16.44 7.29 -13.13
N ASP A 496 15.74 6.18 -13.33
CA ASP A 496 16.01 5.30 -14.46
C ASP A 496 15.86 6.04 -15.78
N PHE A 497 16.47 5.45 -16.82
CA PHE A 497 16.30 5.90 -18.21
C PHE A 497 16.57 7.40 -18.34
N ASN A 498 17.85 7.74 -18.14
CA ASN A 498 18.34 9.09 -18.36
C ASN A 498 19.72 8.98 -19.00
N ASP A 499 20.45 10.09 -19.02
CA ASP A 499 21.80 10.15 -19.56
C ASP A 499 22.81 10.55 -18.49
N LEU A 500 22.54 10.14 -17.26
CA LEU A 500 23.43 10.50 -16.15
C LEU A 500 24.77 9.78 -16.26
N THR A 501 25.83 10.50 -15.94
CA THR A 501 27.18 9.97 -15.90
C THR A 501 27.72 10.11 -14.47
N GLY A 502 28.95 9.67 -14.27
CA GLY A 502 29.57 9.75 -12.98
C GLY A 502 29.30 8.55 -12.10
N GLU A 503 29.72 8.68 -10.85
CA GLU A 503 29.64 7.60 -9.87
C GLU A 503 28.50 7.88 -8.89
N ILE A 504 28.38 7.00 -7.89
CA ILE A 504 27.39 7.16 -6.83
C ILE A 504 27.94 8.12 -5.79
N PRO A 505 27.38 9.33 -5.64
CA PRO A 505 27.96 10.29 -4.69
C PRO A 505 28.00 9.73 -3.28
N SER A 506 29.14 9.93 -2.62
CA SER A 506 29.35 9.38 -1.30
C SER A 506 28.38 9.96 -0.27
N GLY A 507 27.90 11.19 -0.50
CA GLY A 507 27.01 11.83 0.45
C GLY A 507 25.74 11.07 0.74
N LEU A 508 25.31 10.19 -0.16
CA LEU A 508 24.07 9.45 0.03
C LEU A 508 24.12 8.51 1.22
N SER A 509 25.31 8.24 1.76
CA SER A 509 25.39 7.48 3.01
C SER A 509 24.56 8.14 4.11
N ASN A 510 24.53 9.47 4.12
CA ASN A 510 23.70 10.19 5.09
C ASN A 510 22.21 10.06 4.79
N CYS A 511 21.83 9.50 3.65
CA CYS A 511 20.43 9.21 3.34
C CYS A 511 20.08 7.81 3.82
N THR A 512 20.01 7.66 5.14
CA THR A 512 19.85 6.36 5.77
C THR A 512 18.44 5.82 5.66
N ASN A 513 17.46 6.62 5.27
CA ASN A 513 16.08 6.17 5.16
C ASN A 513 15.73 5.67 3.76
N LEU A 514 16.71 5.58 2.87
CA LEU A 514 16.43 5.10 1.52
C LEU A 514 15.96 3.65 1.55
N ASN A 515 14.79 3.40 0.94
CA ASN A 515 14.28 2.05 0.76
C ASN A 515 14.18 1.63 -0.70
N TRP A 516 14.29 2.57 -1.64
CA TRP A 516 14.23 2.26 -3.06
C TRP A 516 15.17 3.20 -3.79
N ILE A 517 16.13 2.64 -4.53
CA ILE A 517 17.04 3.40 -5.37
C ILE A 517 17.20 2.64 -6.68
N SER A 518 16.83 3.27 -7.78
CA SER A 518 16.88 2.66 -9.11
C SER A 518 17.51 3.66 -10.07
N LEU A 519 18.68 3.31 -10.61
CA LEU A 519 19.46 4.18 -11.47
C LEU A 519 19.71 3.57 -12.84
N SER A 520 18.88 2.59 -13.24
CA SER A 520 19.20 1.80 -14.42
C SER A 520 19.13 2.65 -15.69
N ASN A 521 19.69 2.09 -16.76
CA ASN A 521 19.67 2.71 -18.08
C ASN A 521 20.20 4.14 -18.03
N ASN A 522 21.39 4.28 -17.44
CA ASN A 522 22.18 5.49 -17.54
C ASN A 522 23.58 5.10 -18.01
N ARG A 523 24.53 6.02 -17.87
CA ARG A 523 25.93 5.76 -18.19
C ARG A 523 26.79 5.99 -16.95
N LEU A 524 26.30 5.51 -15.81
CA LEU A 524 27.04 5.63 -14.56
C LEU A 524 28.27 4.72 -14.58
N THR A 525 29.26 5.11 -13.79
CA THR A 525 30.51 4.36 -13.70
C THR A 525 30.88 4.15 -12.24
N GLY A 526 32.08 3.64 -11.99
CA GLY A 526 32.52 3.41 -10.63
C GLY A 526 32.00 2.10 -10.08
N GLU A 527 31.91 2.05 -8.76
CA GLU A 527 31.60 0.83 -8.02
C GLU A 527 30.37 1.07 -7.13
N ILE A 528 30.03 0.05 -6.35
CA ILE A 528 29.00 0.15 -5.32
C ILE A 528 29.71 0.45 -4.01
N PRO A 529 29.54 1.63 -3.42
CA PRO A 529 30.28 1.96 -2.19
C PRO A 529 29.97 0.96 -1.08
N LYS A 530 30.98 0.75 -0.23
CA LYS A 530 30.82 -0.16 0.90
C LYS A 530 29.91 0.40 1.99
N TRP A 531 29.64 1.71 1.96
CA TRP A 531 28.65 2.25 2.88
C TRP A 531 27.22 1.88 2.48
N ILE A 532 27.05 1.14 1.38
CA ILE A 532 25.72 0.69 1.00
C ILE A 532 25.11 -0.15 2.11
N GLY A 533 25.95 -0.83 2.89
CA GLY A 533 25.48 -1.60 4.03
C GLY A 533 24.97 -0.77 5.19
N ARG A 534 25.21 0.55 5.21
CA ARG A 534 24.61 1.40 6.22
C ARG A 534 23.11 1.58 6.01
N LEU A 535 22.62 1.35 4.79
CA LEU A 535 21.23 1.66 4.44
C LEU A 535 20.37 0.48 4.87
N GLU A 536 20.04 0.46 6.16
CA GLU A 536 19.30 -0.66 6.72
C GLU A 536 17.88 -0.74 6.15
N ASN A 537 17.34 0.37 5.67
CA ASN A 537 16.00 0.39 5.09
C ASN A 537 16.02 0.12 3.59
N LEU A 538 17.19 -0.01 2.99
CA LEU A 538 17.29 -0.21 1.55
C LEU A 538 16.74 -1.58 1.16
N ALA A 539 15.68 -1.59 0.35
CA ALA A 539 15.02 -2.81 -0.07
C ALA A 539 15.26 -3.14 -1.53
N ILE A 540 15.05 -2.19 -2.44
CA ILE A 540 15.26 -2.38 -3.86
C ILE A 540 16.50 -1.62 -4.28
N LEU A 541 17.38 -2.28 -5.03
CA LEU A 541 18.58 -1.66 -5.58
C LEU A 541 18.73 -2.14 -7.02
N LYS A 542 18.42 -1.27 -7.98
CA LYS A 542 18.47 -1.60 -9.40
C LYS A 542 19.47 -0.65 -10.08
N LEU A 543 20.50 -1.22 -10.69
CA LEU A 543 21.59 -0.45 -11.29
C LEU A 543 21.89 -0.93 -12.71
N SER A 544 20.89 -1.47 -13.40
CA SER A 544 21.16 -2.22 -14.63
C SER A 544 21.46 -1.28 -15.80
N ASN A 545 22.09 -1.86 -16.82
CA ASN A 545 22.51 -1.16 -18.04
C ASN A 545 23.23 0.15 -17.71
N ASN A 546 24.26 0.05 -16.88
CA ASN A 546 25.20 1.13 -16.65
C ASN A 546 26.59 0.62 -17.02
N SER A 547 27.64 1.25 -16.49
CA SER A 547 29.00 0.76 -16.64
C SER A 547 29.68 0.69 -15.28
N PHE A 548 28.95 0.26 -14.27
CA PHE A 548 29.55 0.04 -12.96
C PHE A 548 30.60 -1.06 -13.05
N SER A 549 31.57 -1.00 -12.15
CA SER A 549 32.75 -1.86 -12.22
C SER A 549 33.07 -2.39 -10.83
N GLY A 550 34.15 -3.16 -10.74
CA GLY A 550 34.64 -3.65 -9.47
C GLY A 550 33.86 -4.84 -8.96
N ASN A 551 34.25 -5.27 -7.77
CA ASN A 551 33.66 -6.43 -7.14
C ASN A 551 32.29 -6.08 -6.55
N ILE A 552 31.57 -7.12 -6.14
CA ILE A 552 30.31 -6.97 -5.43
C ILE A 552 30.63 -6.69 -3.95
N PRO A 553 30.15 -5.60 -3.36
CA PRO A 553 30.51 -5.32 -1.97
C PRO A 553 29.96 -6.40 -1.05
N ALA A 554 30.83 -6.95 -0.21
CA ALA A 554 30.38 -7.85 0.83
C ALA A 554 29.42 -7.16 1.80
N GLU A 555 29.48 -5.83 1.87
CA GLU A 555 28.58 -5.08 2.74
C GLU A 555 27.14 -5.06 2.24
N LEU A 556 26.87 -5.55 1.03
CA LEU A 556 25.49 -5.73 0.62
C LEU A 556 24.77 -6.75 1.51
N GLY A 557 25.52 -7.56 2.25
CA GLY A 557 24.95 -8.46 3.23
C GLY A 557 24.61 -7.83 4.55
N ASP A 558 25.02 -6.58 4.77
CA ASP A 558 24.63 -5.83 5.95
C ASP A 558 23.31 -5.09 5.77
N CYS A 559 22.73 -5.14 4.56
CA CYS A 559 21.45 -4.50 4.31
C CYS A 559 20.36 -5.37 4.92
N ARG A 560 19.72 -4.85 5.97
CA ARG A 560 18.70 -5.62 6.69
C ARG A 560 17.40 -5.74 5.91
N SER A 561 17.26 -5.01 4.80
CA SER A 561 16.01 -4.95 4.06
C SER A 561 16.15 -5.28 2.58
N LEU A 562 17.36 -5.52 2.08
CA LEU A 562 17.56 -5.75 0.66
C LEU A 562 16.83 -7.01 0.20
N ILE A 563 15.90 -6.85 -0.73
CA ILE A 563 15.15 -7.97 -1.27
C ILE A 563 15.16 -8.01 -2.80
N TRP A 564 15.52 -6.93 -3.48
CA TRP A 564 15.53 -6.87 -4.94
C TRP A 564 16.86 -6.28 -5.37
N LEU A 565 17.68 -7.08 -6.05
CA LEU A 565 19.02 -6.67 -6.46
C LEU A 565 19.16 -6.98 -7.94
N ASP A 566 19.21 -5.92 -8.77
CA ASP A 566 19.34 -6.05 -10.21
C ASP A 566 20.58 -5.28 -10.64
N LEU A 567 21.65 -6.03 -10.98
CA LEU A 567 22.92 -5.44 -11.39
C LEU A 567 23.27 -5.80 -12.82
N ASN A 568 22.29 -6.15 -13.64
CA ASN A 568 22.56 -6.78 -14.93
C ASN A 568 23.05 -5.76 -15.96
N THR A 569 23.91 -6.23 -16.86
CA THR A 569 24.50 -5.43 -17.94
C THR A 569 25.38 -4.31 -17.36
N ASN A 570 26.53 -4.74 -16.85
CA ASN A 570 27.51 -3.85 -16.24
C ASN A 570 28.90 -4.43 -16.47
N LEU A 571 29.85 -4.13 -15.57
CA LEU A 571 31.22 -4.59 -15.71
C LEU A 571 31.76 -5.15 -14.39
N PHE A 572 30.89 -5.53 -13.47
CA PHE A 572 31.36 -6.12 -12.22
C PHE A 572 32.20 -7.34 -12.52
N ASN A 573 33.23 -7.55 -11.71
CA ASN A 573 34.15 -8.66 -11.90
C ASN A 573 34.43 -9.27 -10.53
N GLY A 574 35.49 -10.08 -10.45
CA GLY A 574 35.77 -10.79 -9.21
C GLY A 574 34.78 -11.93 -9.00
N THR A 575 34.79 -12.45 -7.78
CA THR A 575 33.91 -13.53 -7.39
C THR A 575 32.73 -12.98 -6.60
N ILE A 576 31.68 -13.80 -6.49
CA ILE A 576 30.51 -13.43 -5.70
C ILE A 576 30.87 -13.61 -4.22
N PRO A 577 30.77 -12.57 -3.40
CA PRO A 577 31.09 -12.75 -1.98
C PRO A 577 30.00 -13.54 -1.27
N ALA A 578 30.40 -14.58 -0.55
CA ALA A 578 29.43 -15.37 0.20
C ALA A 578 28.77 -14.56 1.31
N ALA A 579 29.40 -13.47 1.75
CA ALA A 579 28.89 -12.71 2.88
C ALA A 579 27.62 -11.93 2.53
N MET A 580 27.39 -11.63 1.25
CA MET A 580 26.23 -10.82 0.90
C MET A 580 24.92 -11.53 1.24
N PHE A 581 24.95 -12.84 1.47
CA PHE A 581 23.76 -13.60 1.82
C PHE A 581 23.69 -13.92 3.31
N LYS A 582 24.33 -13.11 4.15
CA LYS A 582 24.35 -13.39 5.59
C LYS A 582 23.07 -12.95 6.30
N GLN A 583 22.35 -11.98 5.76
CA GLN A 583 21.11 -11.51 6.38
C GLN A 583 19.92 -12.41 6.07
N SER A 584 20.11 -13.46 5.28
CA SER A 584 18.99 -14.34 4.95
C SER A 584 18.35 -14.89 6.21
N GLY A 585 17.02 -14.93 6.23
CA GLY A 585 16.29 -15.34 7.41
C GLY A 585 16.09 -14.25 8.43
N LYS A 586 16.64 -13.05 8.20
CA LYS A 586 16.50 -11.93 9.12
C LYS A 586 16.16 -10.64 8.38
N ILE A 587 15.64 -10.75 7.17
CA ILE A 587 15.31 -9.59 6.34
C ILE A 587 13.91 -9.12 6.67
N ALA A 588 13.74 -7.80 6.73
CA ALA A 588 12.44 -7.17 6.95
C ALA A 588 12.07 -6.35 5.73
N ALA A 589 10.81 -6.44 5.30
CA ALA A 589 10.32 -5.73 4.11
C ALA A 589 8.88 -5.28 4.37
N ASN A 590 8.75 -4.10 4.95
CA ASN A 590 7.44 -3.51 5.27
C ASN A 590 7.29 -2.09 4.77
N PHE A 591 8.31 -1.25 4.93
CA PHE A 591 8.26 0.11 4.41
C PHE A 591 8.10 0.12 2.89
N ILE A 592 8.56 -0.93 2.23
CA ILE A 592 8.56 -0.96 0.76
C ILE A 592 7.20 -1.34 0.18
N ALA A 593 6.27 -1.82 1.00
CA ALA A 593 5.00 -2.32 0.50
C ALA A 593 4.06 -1.17 0.14
N GLY A 594 3.25 -1.39 -0.87
CA GLY A 594 2.21 -0.47 -1.26
C GLY A 594 2.58 0.52 -2.34
N LYS A 595 3.66 0.28 -3.08
CA LYS A 595 4.17 1.22 -4.07
C LYS A 595 3.86 0.70 -5.46
N ARG A 596 3.17 1.51 -6.27
CA ARG A 596 2.83 1.12 -7.62
C ARG A 596 4.09 0.80 -8.41
N TYR A 597 4.03 -0.28 -9.18
CA TYR A 597 5.17 -0.75 -9.96
C TYR A 597 4.68 -1.39 -11.25
N VAL A 598 5.62 -1.65 -12.13
CA VAL A 598 5.41 -2.51 -13.29
C VAL A 598 6.64 -3.38 -13.45
N TYR A 599 6.42 -4.66 -13.76
CA TYR A 599 7.49 -5.61 -14.03
C TYR A 599 7.34 -6.09 -15.46
N ILE A 600 8.36 -5.82 -16.28
CA ILE A 600 8.32 -6.13 -17.71
C ILE A 600 9.17 -7.37 -17.93
N LYS A 601 8.50 -8.51 -18.13
CA LYS A 601 9.19 -9.78 -18.33
C LYS A 601 10.04 -9.73 -19.59
N ASN A 602 11.21 -10.36 -19.52
CA ASN A 602 12.09 -10.43 -20.67
C ASN A 602 11.38 -11.09 -21.85
N ASP A 603 11.55 -10.50 -23.04
CA ASP A 603 10.83 -10.99 -24.21
C ASP A 603 11.24 -12.41 -24.60
N GLY A 604 12.39 -12.88 -24.11
CA GLY A 604 12.85 -14.20 -24.49
C GLY A 604 13.13 -14.35 -25.97
N MET A 605 13.32 -13.24 -26.69
CA MET A 605 13.55 -13.28 -28.12
C MET A 605 15.02 -12.99 -28.37
N LYS A 606 15.40 -11.75 -28.66
CA LYS A 606 16.74 -11.44 -29.12
C LYS A 606 17.72 -11.35 -27.95
N LYS A 607 19.01 -11.48 -28.27
CA LYS A 607 20.07 -11.32 -27.29
C LYS A 607 20.22 -9.88 -26.83
N GLU A 608 19.44 -8.96 -27.40
CA GLU A 608 19.54 -7.56 -27.01
C GLU A 608 18.87 -7.30 -25.67
N CYS A 609 17.70 -7.89 -25.45
CA CYS A 609 16.99 -7.71 -24.19
C CYS A 609 17.69 -8.48 -23.08
N HIS A 610 18.04 -7.79 -22.00
CA HIS A 610 18.84 -8.35 -20.93
C HIS A 610 18.03 -8.41 -19.64
N GLY A 611 18.41 -9.34 -18.78
CA GLY A 611 17.83 -9.46 -17.46
C GLY A 611 16.51 -10.22 -17.45
N ALA A 612 16.10 -10.61 -16.25
CA ALA A 612 14.80 -11.27 -16.08
C ALA A 612 13.66 -10.32 -16.43
N GLY A 613 13.63 -9.15 -15.80
CA GLY A 613 12.62 -8.16 -16.10
C GLY A 613 12.94 -6.86 -15.41
N ASN A 614 12.40 -5.78 -15.98
CA ASN A 614 12.61 -4.43 -15.45
C ASN A 614 11.53 -4.13 -14.43
N LEU A 615 11.91 -4.05 -13.15
CA LEU A 615 11.02 -3.50 -12.13
C LEU A 615 11.12 -1.98 -12.19
N LEU A 616 9.99 -1.32 -12.45
CA LEU A 616 9.96 0.11 -12.67
C LEU A 616 8.87 0.74 -11.81
N GLU A 617 9.26 1.76 -11.04
CA GLU A 617 8.28 2.60 -10.38
C GLU A 617 7.28 3.12 -11.41
N PHE A 618 6.00 3.21 -11.01
CA PHE A 618 4.96 3.47 -12.00
C PHE A 618 3.76 4.20 -11.43
N GLN A 619 3.94 4.99 -10.37
CA GLN A 619 2.84 5.78 -9.84
C GLN A 619 2.36 6.79 -10.86
N GLY A 620 1.05 6.81 -11.10
CA GLY A 620 0.46 7.84 -11.93
C GLY A 620 0.89 7.81 -13.39
N ILE A 621 1.21 6.64 -13.93
CA ILE A 621 1.61 6.50 -15.32
C ILE A 621 0.72 5.45 -15.98
N ARG A 622 0.45 5.65 -17.27
CA ARG A 622 -0.32 4.70 -18.06
C ARG A 622 0.61 3.67 -18.68
N SER A 623 0.24 2.39 -18.59
CA SER A 623 1.01 1.34 -19.24
C SER A 623 0.97 1.47 -20.75
N GLU A 624 -0.04 2.14 -21.31
CA GLU A 624 -0.08 2.33 -22.75
C GLU A 624 1.09 3.17 -23.25
N GLN A 625 1.59 4.08 -22.42
CA GLN A 625 2.72 4.93 -22.76
C GLN A 625 4.07 4.26 -22.47
N LEU A 626 4.09 2.97 -22.17
CA LEU A 626 5.36 2.26 -22.08
C LEU A 626 6.00 2.06 -23.45
N ASN A 627 5.30 2.43 -24.52
CA ASN A 627 5.92 2.42 -25.84
C ASN A 627 7.04 3.45 -25.93
N ARG A 628 7.04 4.47 -25.07
CA ARG A 628 8.14 5.42 -25.03
C ARG A 628 9.47 4.75 -24.75
N LEU A 629 9.46 3.56 -24.13
CA LEU A 629 10.70 2.86 -23.82
C LEU A 629 11.34 2.22 -25.05
N SER A 630 10.63 2.17 -26.19
CA SER A 630 11.20 1.53 -27.36
C SER A 630 12.49 2.21 -27.81
N THR A 631 12.60 3.53 -27.61
CA THR A 631 13.79 4.27 -28.01
C THR A 631 14.94 4.12 -27.02
N ARG A 632 14.73 3.42 -25.90
CA ARG A 632 15.73 3.33 -24.84
C ARG A 632 15.93 1.91 -24.33
N ASN A 633 15.05 0.96 -24.65
CA ASN A 633 15.09 -0.39 -24.11
C ASN A 633 14.89 -1.38 -25.25
N PRO A 634 15.79 -2.35 -25.43
CA PRO A 634 15.70 -3.23 -26.61
C PRO A 634 14.76 -4.42 -26.44
N CYS A 635 13.75 -4.28 -25.58
CA CYS A 635 12.87 -5.39 -25.25
C CYS A 635 11.49 -5.20 -25.87
N ASN A 636 10.85 -6.32 -26.17
CA ASN A 636 9.46 -6.32 -26.63
C ASN A 636 8.54 -6.25 -25.42
N ILE A 637 7.73 -5.20 -25.35
CA ILE A 637 6.92 -4.95 -24.16
C ILE A 637 5.54 -5.60 -24.23
N THR A 638 5.03 -5.86 -25.44
CA THR A 638 3.66 -6.35 -25.58
C THR A 638 3.48 -7.69 -24.90
N SER A 639 2.42 -7.81 -24.09
CA SER A 639 2.04 -9.05 -23.42
C SER A 639 3.09 -9.50 -22.43
N ARG A 640 3.82 -8.56 -21.83
CA ARG A 640 4.87 -8.90 -20.88
C ARG A 640 4.96 -7.90 -19.73
N VAL A 641 3.95 -7.06 -19.54
CA VAL A 641 3.98 -6.01 -18.53
C VAL A 641 3.08 -6.42 -17.38
N TYR A 642 3.68 -6.76 -16.24
CA TYR A 642 2.95 -7.01 -15.01
C TYR A 642 2.96 -5.76 -14.15
N GLY A 643 1.86 -5.53 -13.44
CA GLY A 643 1.72 -4.35 -12.60
C GLY A 643 1.11 -4.70 -11.27
N GLY A 644 0.85 -3.65 -10.47
CA GLY A 644 0.24 -3.78 -9.18
C GLY A 644 0.99 -2.95 -8.16
N HIS A 645 0.78 -3.27 -6.88
CA HIS A 645 1.44 -2.59 -5.78
C HIS A 645 2.38 -3.57 -5.10
N THR A 646 3.59 -3.11 -4.81
CA THR A 646 4.60 -3.97 -4.20
C THR A 646 4.02 -4.68 -2.98
N SER A 647 4.32 -5.97 -2.87
CA SER A 647 3.82 -6.80 -1.77
C SER A 647 4.82 -7.90 -1.50
N PRO A 648 5.80 -7.64 -0.62
CA PRO A 648 6.78 -8.69 -0.30
C PRO A 648 6.09 -9.91 0.30
N THR A 649 6.71 -11.06 0.08
CA THR A 649 6.14 -12.34 0.49
C THR A 649 6.39 -12.66 1.96
N PHE A 650 6.60 -11.63 2.80
CA PHE A 650 6.85 -11.85 4.21
C PHE A 650 6.90 -10.49 4.89
N ASP A 651 6.70 -10.49 6.20
CA ASP A 651 6.85 -9.30 7.03
C ASP A 651 8.16 -9.27 7.79
N ASN A 652 8.67 -10.44 8.20
CA ASN A 652 9.94 -10.52 8.89
C ASN A 652 10.48 -11.93 8.70
N ASN A 653 11.70 -12.16 9.19
CA ASN A 653 12.38 -13.44 9.05
C ASN A 653 12.34 -13.92 7.60
N GLY A 654 12.71 -13.01 6.70
CA GLY A 654 12.73 -13.29 5.28
C GLY A 654 14.11 -13.26 4.67
N SER A 655 14.18 -13.11 3.35
CA SER A 655 15.45 -13.17 2.63
C SER A 655 15.29 -12.37 1.35
N MET A 656 16.30 -12.46 0.47
CA MET A 656 16.24 -11.80 -0.81
C MET A 656 15.25 -12.50 -1.74
N MET A 657 14.63 -11.72 -2.62
CA MET A 657 13.59 -12.22 -3.51
C MET A 657 13.99 -12.26 -4.97
N PHE A 658 14.82 -11.32 -5.42
CA PHE A 658 15.20 -11.20 -6.82
C PHE A 658 16.69 -10.89 -6.90
N LEU A 659 17.42 -11.72 -7.63
CA LEU A 659 18.87 -11.58 -7.74
C LEU A 659 19.25 -11.79 -9.20
N ASP A 660 19.62 -10.69 -9.88
CA ASP A 660 20.03 -10.73 -11.28
C ASP A 660 21.35 -9.97 -11.41
N MET A 661 22.44 -10.71 -11.55
CA MET A 661 23.75 -10.14 -11.86
C MET A 661 24.25 -10.54 -13.24
N SER A 662 23.33 -10.87 -14.15
CA SER A 662 23.72 -11.40 -15.45
C SER A 662 24.41 -10.34 -16.29
N TYR A 663 25.09 -10.81 -17.34
CA TYR A 663 25.80 -9.94 -18.28
C TYR A 663 26.83 -9.07 -17.57
N ASN A 664 27.81 -9.75 -16.97
CA ASN A 664 28.94 -9.10 -16.32
C ASN A 664 30.17 -9.96 -16.57
N MET A 665 31.17 -9.85 -15.70
CA MET A 665 32.42 -10.59 -15.82
C MET A 665 32.77 -11.25 -14.49
N LEU A 666 31.76 -11.71 -13.75
CA LEU A 666 32.02 -12.40 -12.50
C LEU A 666 32.78 -13.69 -12.76
N SER A 667 33.76 -13.97 -11.90
CA SER A 667 34.61 -15.14 -12.01
C SER A 667 34.47 -16.00 -10.75
N GLY A 668 35.26 -17.06 -10.69
CA GLY A 668 35.23 -17.94 -9.54
C GLY A 668 34.05 -18.90 -9.59
N TYR A 669 33.67 -19.36 -8.40
CA TYR A 669 32.60 -20.34 -8.22
C TYR A 669 31.48 -19.73 -7.39
N ILE A 670 30.29 -20.29 -7.57
CA ILE A 670 29.13 -19.81 -6.81
C ILE A 670 29.26 -20.26 -5.36
N PRO A 671 29.10 -19.37 -4.38
CA PRO A 671 29.21 -19.80 -2.98
C PRO A 671 28.03 -20.66 -2.57
N LYS A 672 28.30 -21.61 -1.69
CA LYS A 672 27.25 -22.50 -1.20
C LYS A 672 26.16 -21.74 -0.47
N GLU A 673 26.47 -20.55 0.07
CA GLU A 673 25.47 -19.74 0.74
C GLU A 673 24.42 -19.19 -0.23
N ILE A 674 24.63 -19.33 -1.54
CA ILE A 674 23.63 -18.90 -2.51
C ILE A 674 22.28 -19.55 -2.23
N GLY A 675 22.28 -20.70 -1.57
CA GLY A 675 21.06 -21.44 -1.32
C GLY A 675 20.39 -21.15 0.01
N SER A 676 20.74 -20.02 0.64
CA SER A 676 20.18 -19.64 1.94
C SER A 676 19.02 -18.65 1.81
N MET A 677 18.47 -18.47 0.61
CA MET A 677 17.38 -17.51 0.38
C MET A 677 16.09 -18.26 0.04
N PRO A 678 15.29 -18.65 1.03
CA PRO A 678 14.05 -19.40 0.71
C PRO A 678 12.97 -18.57 0.05
N TYR A 679 13.14 -17.25 -0.06
CA TYR A 679 12.17 -16.40 -0.74
C TYR A 679 12.66 -15.92 -2.10
N LEU A 680 13.87 -16.30 -2.50
CA LEU A 680 14.37 -15.97 -3.82
C LEU A 680 13.57 -16.73 -4.87
N PHE A 681 12.87 -16.00 -5.75
CA PHE A 681 12.11 -16.63 -6.82
C PHE A 681 12.74 -16.45 -8.20
N ILE A 682 13.72 -15.56 -8.34
CA ILE A 682 14.52 -15.46 -9.57
C ILE A 682 15.99 -15.38 -9.20
N LEU A 683 16.81 -16.12 -9.92
CA LEU A 683 18.26 -16.07 -9.78
C LEU A 683 18.86 -16.14 -11.17
N ASN A 684 19.41 -15.03 -11.64
CA ASN A 684 19.99 -14.94 -12.98
C ASN A 684 21.46 -14.54 -12.82
N LEU A 685 22.35 -15.51 -13.03
CA LEU A 685 23.78 -15.25 -13.12
C LEU A 685 24.32 -15.50 -14.52
N GLY A 686 23.45 -15.46 -15.52
CA GLY A 686 23.85 -15.84 -16.87
C GLY A 686 24.79 -14.84 -17.50
N HIS A 687 25.44 -15.30 -18.57
CA HIS A 687 26.38 -14.49 -19.34
C HIS A 687 27.43 -13.85 -18.43
N ASN A 688 28.27 -14.73 -17.89
CA ASN A 688 29.38 -14.33 -17.03
C ASN A 688 30.55 -15.27 -17.32
N ASP A 689 31.52 -15.29 -16.42
CA ASP A 689 32.68 -16.18 -16.50
C ASP A 689 32.80 -17.03 -15.25
N ILE A 690 31.65 -17.53 -14.77
CA ILE A 690 31.60 -18.31 -13.54
C ILE A 690 32.06 -19.73 -13.83
N SER A 691 32.91 -20.25 -12.96
CA SER A 691 33.47 -21.59 -13.10
C SER A 691 32.94 -22.49 -11.97
N GLY A 692 33.58 -23.65 -11.81
CA GLY A 692 33.18 -24.59 -10.79
C GLY A 692 31.87 -25.29 -11.14
N SER A 693 31.35 -26.00 -10.13
CA SER A 693 30.09 -26.72 -10.26
C SER A 693 28.97 -25.94 -9.58
N ILE A 694 27.74 -26.31 -9.91
CA ILE A 694 26.57 -25.72 -9.27
C ILE A 694 26.49 -26.30 -7.86
N PRO A 695 26.47 -25.45 -6.82
CA PRO A 695 26.38 -25.99 -5.46
C PRO A 695 25.08 -26.76 -5.26
N ASP A 696 25.18 -27.90 -4.58
CA ASP A 696 23.97 -28.67 -4.27
C ASP A 696 22.99 -27.86 -3.43
N GLU A 697 23.44 -26.80 -2.76
CA GLU A 697 22.56 -25.98 -1.96
C GLU A 697 21.55 -25.20 -2.79
N VAL A 698 21.77 -25.10 -4.11
CA VAL A 698 20.79 -24.44 -4.97
C VAL A 698 19.43 -25.12 -4.86
N GLY A 699 19.42 -26.43 -4.58
CA GLY A 699 18.18 -27.14 -4.40
C GLY A 699 17.36 -26.68 -3.21
N ASP A 700 17.97 -25.94 -2.28
CA ASP A 700 17.25 -25.36 -1.16
C ASP A 700 16.51 -24.08 -1.52
N LEU A 701 16.72 -23.56 -2.72
CA LEU A 701 15.98 -22.39 -3.19
C LEU A 701 14.53 -22.78 -3.46
N ARG A 702 13.79 -23.09 -2.40
CA ARG A 702 12.45 -23.67 -2.57
C ARG A 702 11.56 -22.79 -3.44
N GLY A 703 11.65 -21.48 -3.30
CA GLY A 703 10.76 -20.57 -4.00
C GLY A 703 11.18 -20.19 -5.39
N LEU A 704 12.28 -20.75 -5.89
CA LEU A 704 12.82 -20.35 -7.18
C LEU A 704 11.84 -20.62 -8.30
N ASN A 705 11.48 -19.56 -9.04
CA ASN A 705 10.68 -19.69 -10.25
C ASN A 705 11.56 -19.76 -11.50
N ILE A 706 12.57 -18.90 -11.59
CA ILE A 706 13.48 -18.86 -12.73
C ILE A 706 14.89 -19.07 -12.24
N LEU A 707 15.66 -19.87 -13.00
CA LEU A 707 17.07 -20.11 -12.72
C LEU A 707 17.82 -20.08 -14.04
N ASP A 708 18.51 -18.98 -14.29
CA ASP A 708 19.33 -18.81 -15.49
C ASP A 708 20.80 -18.83 -15.09
N LEU A 709 21.55 -19.77 -15.66
CA LEU A 709 23.00 -19.83 -15.49
C LEU A 709 23.70 -20.01 -16.82
N SER A 710 23.04 -19.66 -17.92
CA SER A 710 23.57 -19.94 -19.25
C SER A 710 24.77 -19.03 -19.55
N SER A 711 25.58 -19.47 -20.51
CA SER A 711 26.73 -18.71 -20.99
C SER A 711 27.70 -18.41 -19.85
N ASN A 712 28.21 -19.48 -19.24
CA ASN A 712 29.22 -19.40 -18.20
C ASN A 712 30.24 -20.50 -18.45
N LYS A 713 31.10 -20.74 -17.45
CA LYS A 713 32.10 -21.80 -17.49
C LYS A 713 31.80 -22.92 -16.50
N LEU A 714 30.54 -23.07 -16.09
CA LEU A 714 30.20 -24.08 -15.10
C LEU A 714 30.55 -25.47 -15.62
N ASP A 715 31.18 -26.27 -14.76
CA ASP A 715 31.57 -27.63 -15.09
C ASP A 715 30.94 -28.59 -14.09
N GLY A 716 30.97 -29.87 -14.44
CA GLY A 716 30.45 -30.92 -13.58
C GLY A 716 29.01 -31.29 -13.92
N ARG A 717 28.43 -32.05 -13.00
CA ARG A 717 27.07 -32.54 -13.14
C ARG A 717 26.07 -31.54 -12.57
N ILE A 718 24.83 -31.64 -13.04
CA ILE A 718 23.73 -30.88 -12.45
C ILE A 718 23.38 -31.56 -11.13
N PRO A 719 23.56 -30.91 -9.98
CA PRO A 719 23.31 -31.59 -8.70
C PRO A 719 21.89 -32.14 -8.62
N GLN A 720 21.78 -33.39 -8.16
CA GLN A 720 20.47 -34.03 -8.03
C GLN A 720 19.56 -33.25 -7.08
N ALA A 721 20.13 -32.55 -6.11
CA ALA A 721 19.31 -31.78 -5.17
C ALA A 721 18.45 -30.75 -5.87
N MET A 722 18.78 -30.39 -7.12
CA MET A 722 17.94 -29.45 -7.86
C MET A 722 16.60 -30.06 -8.24
N SER A 723 16.51 -31.38 -8.30
CA SER A 723 15.23 -32.05 -8.57
C SER A 723 14.22 -31.79 -7.46
N ALA A 724 14.63 -31.13 -6.39
CA ALA A 724 13.72 -30.72 -5.32
C ALA A 724 13.09 -29.36 -5.56
N LEU A 725 13.61 -28.58 -6.50
CA LEU A 725 12.97 -27.33 -6.91
C LEU A 725 11.63 -27.66 -7.54
N THR A 726 10.54 -27.27 -6.88
CA THR A 726 9.20 -27.62 -7.31
C THR A 726 8.47 -26.48 -8.02
N MET A 727 8.98 -25.26 -7.93
CA MET A 727 8.31 -24.09 -8.50
C MET A 727 9.07 -23.50 -9.68
N LEU A 728 10.04 -24.21 -10.24
CA LEU A 728 10.78 -23.73 -11.40
C LEU A 728 9.85 -23.73 -12.62
N THR A 729 9.41 -22.55 -13.03
CA THR A 729 8.73 -22.40 -14.31
C THR A 729 9.68 -22.18 -15.46
N GLU A 730 10.98 -21.98 -15.19
CA GLU A 730 11.93 -21.70 -16.24
C GLU A 730 13.34 -21.95 -15.72
N ILE A 731 14.14 -22.67 -16.52
CA ILE A 731 15.54 -22.93 -16.23
C ILE A 731 16.30 -22.75 -17.53
N ASP A 732 17.58 -22.45 -17.42
CA ASP A 732 18.45 -22.35 -18.60
C ASP A 732 19.88 -22.60 -18.16
N LEU A 733 20.42 -23.76 -18.55
CA LEU A 733 21.78 -24.15 -18.23
C LEU A 733 22.66 -24.27 -19.48
N SER A 734 22.24 -23.63 -20.58
CA SER A 734 22.92 -23.80 -21.85
C SER A 734 24.24 -23.03 -21.88
N ASN A 735 25.12 -23.44 -22.80
CA ASN A 735 26.40 -22.77 -23.04
C ASN A 735 27.28 -22.80 -21.79
N ASN A 736 27.54 -24.01 -21.29
CA ASN A 736 28.45 -24.23 -20.17
C ASN A 736 29.28 -25.48 -20.47
N ASN A 737 30.06 -25.92 -19.49
CA ASN A 737 30.85 -27.14 -19.59
C ASN A 737 30.22 -28.28 -18.79
N LEU A 738 28.91 -28.24 -18.58
CA LEU A 738 28.26 -29.27 -17.80
C LEU A 738 28.35 -30.63 -18.48
N SER A 739 28.20 -31.67 -17.68
CA SER A 739 28.30 -33.04 -18.18
C SER A 739 27.45 -33.94 -17.30
N GLY A 740 27.28 -35.18 -17.74
CA GLY A 740 26.59 -36.18 -16.96
C GLY A 740 25.09 -36.15 -17.18
N PRO A 741 24.35 -36.87 -16.35
CA PRO A 741 22.91 -36.96 -16.51
C PRO A 741 22.18 -35.78 -15.90
N ILE A 742 21.09 -35.39 -16.56
CA ILE A 742 20.19 -34.37 -16.03
C ILE A 742 19.38 -35.00 -14.91
N PRO A 743 19.11 -34.28 -13.80
CA PRO A 743 18.41 -34.90 -12.67
C PRO A 743 17.22 -35.75 -13.08
N GLU A 744 16.41 -35.27 -14.02
CA GLU A 744 15.35 -36.07 -14.63
C GLU A 744 14.46 -36.74 -13.57
N MET A 745 14.46 -36.20 -12.35
CA MET A 745 13.60 -36.68 -11.28
C MET A 745 12.61 -35.63 -10.81
N GLY A 746 12.82 -34.36 -11.15
CA GLY A 746 11.91 -33.31 -10.79
C GLY A 746 11.28 -32.66 -12.01
N GLN A 747 11.58 -31.39 -12.25
CA GLN A 747 10.99 -30.65 -13.34
C GLN A 747 11.90 -30.56 -14.56
N PHE A 748 13.01 -31.30 -14.57
CA PHE A 748 13.95 -31.15 -15.69
C PHE A 748 13.38 -31.73 -16.98
N GLU A 749 12.54 -32.77 -16.90
CA GLU A 749 11.90 -33.28 -18.10
C GLU A 749 10.92 -32.26 -18.67
N THR A 750 10.39 -31.38 -17.82
CA THR A 750 9.41 -30.38 -18.28
C THR A 750 9.98 -29.51 -19.39
N PHE A 751 11.25 -29.31 -19.40
CA PHE A 751 11.80 -28.26 -20.24
C PHE A 751 12.28 -28.81 -21.57
N PRO A 752 12.30 -27.97 -22.60
CA PRO A 752 12.74 -28.43 -23.92
C PRO A 752 14.25 -28.59 -23.98
N PRO A 753 14.76 -29.27 -25.01
CA PRO A 753 16.22 -29.46 -25.08
C PRO A 753 17.00 -28.16 -25.08
N ALA A 754 16.48 -27.12 -25.75
CA ALA A 754 17.23 -25.88 -25.93
C ALA A 754 17.85 -25.39 -24.63
N LYS A 755 17.19 -25.66 -23.50
CA LYS A 755 17.69 -25.19 -22.21
C LYS A 755 18.94 -25.94 -21.75
N PHE A 756 19.39 -26.95 -22.50
CA PHE A 756 20.55 -27.73 -22.12
C PHE A 756 21.58 -27.86 -23.24
N LEU A 757 21.32 -27.28 -24.41
CA LEU A 757 22.24 -27.40 -25.53
C LEU A 757 23.57 -26.71 -25.23
N ASN A 758 24.59 -27.10 -26.00
CA ASN A 758 25.95 -26.59 -25.85
C ASN A 758 26.59 -27.01 -24.54
N ASN A 759 26.21 -28.18 -24.02
CA ASN A 759 26.88 -28.84 -22.90
C ASN A 759 27.27 -30.23 -23.39
N PRO A 760 28.47 -30.39 -23.95
CA PRO A 760 28.79 -31.62 -24.70
C PRO A 760 28.50 -32.90 -23.95
N GLY A 761 29.05 -33.06 -22.74
CA GLY A 761 28.87 -34.30 -22.00
C GLY A 761 27.47 -34.50 -21.45
N LEU A 762 26.62 -33.48 -21.53
CA LEU A 762 25.30 -33.57 -20.92
C LEU A 762 24.40 -34.52 -21.70
N CYS A 763 23.63 -35.32 -20.96
CA CYS A 763 22.79 -36.35 -21.55
C CYS A 763 21.58 -36.55 -20.65
N GLY A 764 20.71 -37.48 -21.06
CA GLY A 764 19.49 -37.72 -20.32
C GLY A 764 18.35 -36.87 -20.81
N TYR A 765 17.14 -37.38 -20.67
CA TYR A 765 15.96 -36.69 -21.15
C TYR A 765 15.91 -35.28 -20.56
N PRO A 766 15.54 -34.26 -21.36
CA PRO A 766 15.05 -34.27 -22.75
C PRO A 766 16.14 -34.47 -23.80
N LEU A 767 17.40 -34.52 -23.41
CA LEU A 767 18.49 -34.76 -24.35
C LEU A 767 18.58 -36.25 -24.66
N PRO A 768 19.38 -36.62 -25.67
CA PRO A 768 19.56 -38.05 -25.95
C PRO A 768 19.99 -38.82 -24.71
N ARG A 769 19.54 -40.07 -24.64
CA ARG A 769 19.83 -40.89 -23.46
C ARG A 769 21.33 -40.98 -23.23
N CYS A 770 21.71 -41.12 -21.96
CA CYS A 770 23.10 -41.26 -21.57
C CYS A 770 23.63 -42.59 -22.09
N ASP A 771 24.50 -42.53 -23.10
CA ASP A 771 25.05 -43.70 -23.78
C ASP A 771 26.53 -43.82 -23.44
N PRO A 772 27.22 -44.88 -23.89
CA PRO A 772 28.68 -44.95 -23.69
C PRO A 772 29.41 -43.65 -24.02
C1 NAG B . -13.99 1.39 17.07
C2 NAG B . -14.18 2.83 16.59
C3 NAG B . -13.30 3.12 15.38
C4 NAG B . -11.86 2.71 15.61
C5 NAG B . -11.80 1.28 16.17
C6 NAG B . -10.40 0.84 16.54
C7 NAG B . -16.31 4.04 16.83
C8 NAG B . -17.75 4.08 16.39
N2 NAG B . -15.57 3.05 16.31
O3 NAG B . -13.42 4.49 15.09
O4 NAG B . -11.21 2.79 14.37
O5 NAG B . -12.62 1.16 17.31
O6 NAG B . -9.82 1.82 17.37
O7 NAG B . -15.86 4.88 17.61
H2 NAG B . -13.90 3.43 17.30
H3 NAG B . -13.62 2.57 14.64
H4 NAG B . -11.47 3.32 16.27
H5 NAG B . -12.14 0.69 15.47
H61 NAG B . -9.90 0.70 15.72
H62 NAG B . -10.46 -0.02 16.98
H81 NAG B . -18.33 3.99 17.18
H82 NAG B . -17.92 3.34 15.79
H83 NAG B . -17.93 4.92 15.94
HN2 NAG B . -15.95 2.51 15.76
HO3 NAG B . -12.95 4.66 14.40
HO6 NAG B . -10.27 1.86 18.09
C1 NAG B . -10.04 3.63 14.38
C2 NAG B . -9.18 3.25 13.18
C3 NAG B . -8.00 4.20 12.99
C4 NAG B . -8.50 5.63 12.94
C5 NAG B . -9.32 5.90 14.22
C6 NAG B . -9.86 7.31 14.31
C7 NAG B . -9.07 0.88 12.51
C8 NAG B . -8.40 -0.44 12.80
N2 NAG B . -8.67 1.90 13.28
O3 NAG B . -7.34 3.83 11.81
O4 NAG B . -7.36 6.46 12.82
O5 NAG B . -10.40 5.00 14.28
O6 NAG B . -10.66 7.57 13.17
O7 NAG B . -9.90 0.99 11.63
H2 NAG B . -9.76 3.30 12.41
H3 NAG B . -7.41 4.13 13.76
H4 NAG B . -9.08 5.76 12.17
H5 NAG B . -8.72 5.77 14.97
H61 NAG B . -9.11 7.92 14.37
H62 NAG B . -10.37 7.39 15.13
H81 NAG B . -9.07 -1.10 13.06
H82 NAG B . -7.77 -0.33 13.53
H83 NAG B . -7.92 -0.74 12.01
HN2 NAG B . -8.08 1.76 13.89
HO3 NAG B . -6.63 4.29 11.75
HO6 NAG B . -10.86 8.40 13.17
C1 BMA B . -7.63 7.50 11.83
C2 BMA B . -6.91 8.76 12.30
C3 BMA B . -7.18 9.90 11.29
C4 BMA B . -7.04 9.50 9.80
C5 BMA B . -7.28 8.02 9.46
C6 BMA B . -6.45 7.53 8.27
O2 BMA B . -5.54 8.49 12.46
O3 BMA B . -6.35 10.97 11.67
O4 BMA B . -8.00 10.29 9.13
O5 BMA B . -7.17 7.13 10.55
O6 BMA B . -5.10 7.44 8.65
H2 BMA B . -7.31 9.02 13.15
H3 BMA B . -8.12 10.14 11.37
H4 BMA B . -6.13 9.70 9.54
H5 BMA B . -8.21 7.97 9.19
H61 BMA B . -6.56 8.14 7.51
H62 BMA B . -6.79 6.67 7.98
HO2 BMA B . -5.44 8.09 13.20
HO4 BMA B . -7.91 10.17 8.29
HO6 BMA B . -5.03 6.84 9.24
C1 MAN B . -7.02 11.61 12.79
C2 MAN B . -7.32 13.07 12.40
C3 MAN B . -6.02 13.86 12.26
C4 MAN B . -5.14 13.69 13.49
C5 MAN B . -4.94 12.21 13.78
C6 MAN B . -4.17 11.95 15.07
O2 MAN B . -8.14 13.59 13.42
O3 MAN B . -6.38 15.21 12.06
O4 MAN B . -3.91 14.34 13.21
O5 MAN B . -6.20 11.57 13.93
O6 MAN B . -4.86 12.56 16.13
H2 MAN B . -7.77 13.06 11.56
H3 MAN B . -5.53 13.50 11.50
H4 MAN B . -5.58 14.10 14.25
H5 MAN B . -4.42 11.81 13.05
H61 MAN B . -3.28 12.31 14.97
H62 MAN B . -4.08 11.00 15.20
HO2 MAN B . -8.92 13.72 13.09
HO3 MAN B . -6.73 15.27 11.29
HO4 MAN B . -4.05 15.18 13.18
HO6 MAN B . -5.69 12.55 15.96
C1 NAG C . -21.12 -12.83 -2.23
C2 NAG C . -20.66 -14.20 -1.72
C3 NAG C . -20.81 -15.26 -2.78
C4 NAG C . -22.25 -15.28 -3.30
C5 NAG C . -22.59 -13.88 -3.79
C6 NAG C . -24.00 -13.72 -4.32
C7 NAG C . -18.95 -14.13 0.06
C8 NAG C . -17.47 -14.07 0.31
N2 NAG C . -19.30 -14.14 -1.25
O3 NAG C . -20.42 -16.48 -2.22
O4 NAG C . -22.30 -16.25 -4.32
O5 NAG C . -22.42 -12.94 -2.74
O6 NAG C . -24.91 -13.77 -3.24
O7 NAG C . -19.77 -14.18 0.97
H2 NAG C . -21.24 -14.43 -0.97
H3 NAG C . -20.24 -15.04 -3.53
H4 NAG C . -22.85 -15.52 -2.58
H5 NAG C . -21.99 -13.67 -4.52
H61 NAG C . -24.17 -14.44 -4.96
H62 NAG C . -24.06 -12.90 -4.81
H81 NAG C . -17.27 -13.33 0.90
H82 NAG C . -17.00 -13.96 -0.53
H83 NAG C . -17.18 -14.91 0.74
HN2 NAG C . -18.68 -14.10 -1.83
HO3 NAG C . -20.48 -17.08 -2.81
HO6 NAG C . -24.76 -14.47 -2.79
C1 NAG C . -23.32 -17.25 -4.05
C2 NAG C . -23.75 -17.85 -5.40
C3 NAG C . -24.84 -18.90 -5.17
C4 NAG C . -24.38 -19.94 -4.16
C5 NAG C . -23.87 -19.23 -2.90
C6 NAG C . -23.33 -20.18 -1.85
C7 NAG C . -23.50 -16.33 -7.33
C8 NAG C . -24.17 -15.25 -8.12
N2 NAG C . -24.21 -16.81 -6.29
O3 NAG C . -25.14 -19.48 -6.41
O4 NAG C . -25.47 -20.77 -3.88
O5 NAG C . -22.86 -18.29 -3.22
O6 NAG C . -22.37 -21.03 -2.45
O7 NAG C . -22.37 -16.73 -7.62
H2 NAG C . -22.98 -18.28 -5.80
H3 NAG C . -25.62 -18.46 -4.81
H4 NAG C . -23.64 -20.43 -4.55
H5 NAG C . -24.62 -18.76 -2.49
H61 NAG C . -24.07 -20.68 -1.48
H62 NAG C . -22.96 -19.67 -1.13
H81 NAG C . -23.63 -14.45 -8.11
H82 NAG C . -25.04 -15.06 -7.73
H83 NAG C . -24.29 -15.55 -9.03
HN2 NAG C . -24.99 -16.49 -6.15
HO3 NAG C . -25.79 -20.02 -6.31
HO4 NAG C . -25.19 -21.52 -3.60
HO6 NAG C . -21.70 -20.56 -2.68
C1 NAG D . -15.10 6.37 0.37
C2 NAG D . -14.04 6.78 1.38
C3 NAG D . -12.66 6.28 0.95
C4 NAG D . -12.70 4.79 0.70
C5 NAG D . -13.83 4.49 -0.30
C6 NAG D . -14.01 3.03 -0.63
C7 NAG D . -14.45 8.95 2.57
C8 NAG D . -15.14 8.22 3.69
N2 NAG D . -13.99 8.22 1.53
O3 NAG D . -11.75 6.61 1.97
O4 NAG D . -11.45 4.42 0.18
O5 NAG D . -15.06 4.98 0.19
O6 NAG D . -14.66 2.37 0.43
O7 NAG D . -14.36 10.17 2.60
H2 NAG D . -14.29 6.37 2.23
H3 NAG D . -12.43 6.71 0.11
H4 NAG D . -12.88 4.33 1.53
H5 NAG D . -13.60 4.96 -1.13
H61 NAG D . -13.13 2.65 -0.81
H62 NAG D . -14.50 2.97 -1.46
H81 NAG D . -15.39 8.84 4.39
H82 NAG D . -14.52 7.55 4.05
H83 NAG D . -15.92 7.76 3.35
HN2 NAG D . -13.61 8.65 0.89
HO3 NAG D . -10.98 6.37 1.71
HO6 NAG D . -15.45 2.67 0.48
C1 NAG D . -10.75 3.56 1.10
C2 NAG D . -9.75 2.72 0.30
C3 NAG D . -8.96 1.81 1.23
C4 NAG D . -8.29 2.61 2.33
C5 NAG D . -9.35 3.50 3.02
C6 NAG D . -8.80 4.47 4.04
C7 NAG D . -10.38 2.24 -2.02
C8 NAG D . -11.15 1.28 -2.90
N2 NAG D . -10.42 1.94 -0.71
O3 NAG D . -8.03 1.12 0.44
O4 NAG D . -7.71 1.66 3.22
O5 NAG D . -10.03 4.29 2.05
O6 NAG D . -8.15 5.53 3.38
O7 NAG D . -9.79 3.19 -2.48
H2 NAG D . -9.14 3.33 -0.14
H3 NAG D . -9.58 1.19 1.66
H4 NAG D . -7.61 3.19 1.96
H5 NAG D . -9.95 2.89 3.47
H61 NAG D . -8.20 3.99 4.63
H62 NAG D . -9.52 4.78 4.59
H81 NAG D . -11.71 1.78 -3.50
H82 NAG D . -11.70 0.71 -2.34
H83 NAG D . -10.53 0.73 -3.40
HN2 NAG D . -10.86 1.25 -0.45
HO3 NAG D . -7.58 0.61 0.95
HO6 NAG D . -8.73 5.97 2.94
C1 BMA D . -6.40 2.08 3.68
C2 BMA D . -6.04 1.18 4.85
C3 BMA D . -4.65 1.61 5.40
C4 BMA D . -3.56 1.79 4.32
C5 BMA D . -4.07 2.28 2.96
C6 BMA D . -3.18 1.91 1.77
O2 BMA D . -6.09 -0.15 4.43
O3 BMA D . -4.30 0.71 6.43
O4 BMA D . -2.67 2.75 4.88
O5 BMA D . -5.42 1.97 2.67
O6 BMA D . -2.82 0.55 1.82
H2 BMA D . -6.69 1.34 5.56
H3 BMA D . -4.77 2.49 5.77
H4 BMA D . -3.14 0.94 4.16
H5 BMA D . -4.03 3.25 3.01
H61 BMA D . -2.38 2.46 1.78
H62 BMA D . -3.65 2.11 0.94
HO2 BMA D . -6.90 -0.37 4.40
HO4 BMA D . -2.26 2.38 5.54
C1 MAN D . -1.77 0.37 0.85
C2 MAN D . -1.64 -1.13 0.53
C3 MAN D . -1.17 -1.89 1.76
C4 MAN D . 0.10 -1.27 2.33
C5 MAN D . -0.13 0.23 2.56
C6 MAN D . 1.12 0.94 3.03
O2 MAN D . -0.75 -1.25 -0.54
O3 MAN D . -1.00 -3.24 1.37
O4 MAN D . 0.40 -1.93 3.54
O5 MAN D . -0.54 0.84 1.35
O6 MAN D . 0.78 2.26 3.40
H2 MAN D . -2.53 -1.46 0.29
H3 MAN D . -1.85 -1.83 2.47
H4 MAN D . 0.81 -1.40 1.68
H5 MAN D . -0.80 0.34 3.26
H61 MAN D . 1.78 0.94 2.30
H62 MAN D . 1.51 0.45 3.76
HO2 MAN D . -1.16 -1.58 -1.20
HO4 MAN D . 0.89 -2.61 3.38
C1 MAN D . -1.62 -4.15 2.31
C2 MAN D . -1.41 -5.58 1.79
C3 MAN D . -2.21 -5.81 0.52
C4 MAN D . -3.68 -5.48 0.74
C5 MAN D . -3.81 -4.05 1.30
C6 MAN D . -5.24 -3.76 1.71
O2 MAN D . -1.81 -6.45 2.82
O3 MAN D . -2.01 -7.15 0.13
O4 MAN D . -4.34 -5.63 -0.50
O5 MAN D . -3.00 -3.88 2.45
O6 MAN D . -5.36 -2.38 2.03
H2 MAN D . -0.47 -5.68 1.60
H3 MAN D . -1.88 -5.20 -0.17
H4 MAN D . -4.04 -6.10 1.41
H5 MAN D . -3.54 -3.43 0.61
H61 MAN D . -5.47 -4.31 2.47
H62 MAN D . -5.83 -4.01 0.98
HO2 MAN D . -1.13 -6.84 3.12
HO3 MAN D . -1.30 -7.18 -0.34
HO4 MAN D . -4.69 -6.40 -0.53
HO6 MAN D . -6.17 -2.15 1.87
C1 MAN D . 1.97 3.04 3.59
C2 MAN D . 1.54 4.47 3.93
C3 MAN D . 0.88 5.14 2.73
C4 MAN D . 1.70 4.98 1.45
C5 MAN D . 2.08 3.50 1.28
C6 MAN D . 3.02 3.26 0.10
O2 MAN D . 2.70 5.17 4.33
O3 MAN D . 0.69 6.50 3.05
O4 MAN D . 0.91 5.44 0.38
O5 MAN D . 2.76 3.05 2.43
O6 MAN D . 4.34 3.59 0.48
H2 MAN D . 0.89 4.43 4.64
H3 MAN D . 0.03 4.69 2.57
H4 MAN D . 2.51 5.49 1.54
H5 MAN D . 1.27 3.00 1.10
H61 MAN D . 2.72 3.79 -0.64
H62 MAN D . 2.94 2.32 -0.17
HO2 MAN D . 2.58 5.42 5.13
HO3 MAN D . -0.09 6.59 3.37
HO4 MAN D . 0.90 6.29 0.39
HO6 MAN D . 4.30 4.07 1.18
C1 MAN D . -4.14 1.50 7.64
C2 MAN D . -3.47 0.65 8.73
C3 MAN D . -4.37 -0.51 9.14
C4 MAN D . -5.77 -0.03 9.50
C5 MAN D . -6.34 0.90 8.41
C6 MAN D . -7.62 1.57 8.84
O2 MAN D . -3.22 1.51 9.82
O3 MAN D . -3.75 -1.16 10.21
O4 MAN D . -6.56 -1.18 9.65
O5 MAN D . -5.40 1.93 8.10
O6 MAN D . -8.04 2.49 7.86
H2 MAN D . -2.65 0.31 8.36
H3 MAN D . -4.46 -1.09 8.36
H4 MAN D . -5.72 0.48 10.32
H5 MAN D . -6.52 0.37 7.62
H61 MAN D . -7.47 2.00 9.70
H62 MAN D . -8.29 0.88 8.98
HO2 MAN D . -2.40 1.41 10.04
HO3 MAN D . -3.23 -1.76 9.90
HO4 MAN D . -6.46 -1.50 10.44
HO6 MAN D . -7.35 2.93 7.61
C1 NAG E . -12.00 10.45 -24.92
C2 NAG E . -12.91 9.66 -25.87
C3 NAG E . -12.33 9.67 -27.28
C4 NAG E . -12.05 11.10 -27.74
C5 NAG E . -11.15 11.78 -26.69
C6 NAG E . -10.76 13.21 -26.98
C7 NAG E . -12.21 7.52 -24.79
C8 NAG E . -12.69 6.15 -24.39
N2 NAG E . -13.12 8.30 -25.40
O3 NAG E . -13.22 9.00 -28.13
O4 NAG E . -11.46 11.00 -29.03
O5 NAG E . -11.80 11.74 -25.44
O6 NAG E . -11.90 13.97 -27.29
O7 NAG E . -11.06 7.87 -24.55
H2 NAG E . -13.78 10.09 -25.89
H3 NAG E . -11.46 9.22 -27.25
H4 NAG E . -12.88 11.61 -27.80
H5 NAG E . -10.33 11.27 -26.68
H61 NAG E . -10.12 13.21 -27.69
H62 NAG E . -10.31 13.55 -26.19
H81 NAG E . -12.16 5.48 -24.84
H82 NAG E . -13.62 6.05 -24.65
H83 NAG E . -12.61 6.04 -23.43
HN2 NAG E . -13.90 7.98 -25.53
HO3 NAG E . -12.85 8.95 -28.89
HO6 NAG E . -12.23 13.66 -28.02
C1 NAG E . -11.82 12.00 -30.05
C2 NAG E . -13.35 12.18 -30.20
C3 NAG E . -13.62 13.19 -31.31
C4 NAG E . -12.89 14.49 -31.03
C5 NAG E . -11.40 14.20 -30.81
C6 NAG E . -10.57 15.43 -30.53
C7 NAG E . -15.22 10.57 -29.96
C8 NAG E . -15.72 9.21 -30.40
N2 NAG E . -14.02 10.93 -30.47
O3 NAG E . -15.01 13.37 -31.40
O4 NAG E . -13.10 15.33 -32.14
O5 NAG E . -11.28 13.28 -29.74
O6 NAG E . -9.20 15.13 -30.64
O7 NAG E . -15.87 11.28 -29.22
H2 NAG E . -13.70 12.50 -29.36
H3 NAG E . -13.28 12.82 -32.14
H4 NAG E . -13.26 14.88 -30.22
H5 NAG E . -11.03 13.82 -31.63
H61 NAG E . -10.80 15.75 -29.64
H62 NAG E . -10.84 16.13 -31.15
H81 NAG E . -15.87 8.66 -29.62
H82 NAG E . -15.05 8.79 -30.97
H83 NAG E . -16.55 9.32 -30.89
HN2 NAG E . -13.62 10.38 -31.00
HO3 NAG E . -15.16 13.89 -32.05
HO4 NAG E . -13.04 16.14 -31.88
HO6 NAG E . -8.76 15.83 -30.47
C1 NAG F . 21.16 0.17 -22.60
C2 NAG F . 20.38 -0.80 -23.50
C3 NAG F . 20.61 -0.44 -24.95
C4 NAG F . 20.11 0.98 -25.18
C5 NAG F . 20.86 1.93 -24.24
C6 NAG F . 20.30 3.33 -24.23
C7 NAG F . 20.17 -3.09 -22.49
C8 NAG F . 18.95 -2.69 -21.70
N2 NAG F . 20.77 -2.17 -23.28
O3 NAG F . 19.94 -1.36 -25.77
O4 NAG F . 20.38 1.22 -26.55
O5 NAG F . 20.78 1.49 -22.90
O6 NAG F . 21.03 4.12 -23.33
O7 NAG F . 20.61 -4.23 -22.39
H2 NAG F . 19.44 -0.71 -23.26
H3 NAG F . 21.56 -0.46 -25.13
H4 NAG F . 19.17 1.06 -24.98
H5 NAG F . 21.78 1.95 -24.55
H61 NAG F . 19.36 3.29 -23.99
H62 NAG F . 20.34 3.69 -25.13
H81 NAG F . 18.44 -3.47 -21.46
H82 NAG F . 18.41 -2.09 -22.23
H83 NAG F . 19.24 -2.22 -20.89
HN2 NAG F . 21.47 -2.42 -23.71
HO3 NAG F . 19.19 -1.03 -25.97
HO6 NAG F . 21.83 4.19 -23.62
C1 NAG F . 19.20 1.64 -27.26
C2 NAG F . 19.72 2.41 -28.47
C3 NAG F . 18.54 3.01 -29.23
C4 NAG F . 17.57 1.86 -29.58
C5 NAG F . 17.23 1.09 -28.29
C6 NAG F . 16.31 -0.10 -28.45
C7 NAG F . 21.99 3.31 -28.01
C8 NAG F . 22.72 4.16 -27.00
N2 NAG F . 20.68 3.21 -27.76
O3 NAG F . 19.00 3.63 -30.40
O4 NAG F . 16.42 2.38 -30.20
O5 NAG F . 18.41 0.58 -27.72
O6 NAG F . 16.99 -1.12 -29.14
O7 NAG F . 22.57 2.79 -28.97
H2 NAG F . 20.15 1.97 -29.23
H3 NAG F . 18.10 3.66 -28.66
H4 NAG F . 18.05 1.28 -30.19
H5 NAG F . 16.77 1.72 -27.72
H61 NAG F . 15.52 0.19 -28.93
H62 NAG F . 16.02 -0.39 -27.57
H81 NAG F . 22.95 3.61 -26.23
H82 NAG F . 22.14 4.89 -26.71
H83 NAG F . 23.52 4.52 -27.39
HN2 NAG F . 20.37 3.67 -27.11
HO3 NAG F . 18.60 3.28 -31.05
HO6 NAG F . 17.70 -1.31 -28.70
C1 BMA F . 16.04 1.50 -31.31
C2 BMA F . 14.51 1.46 -31.36
C3 BMA F . 13.94 0.95 -32.71
C4 BMA F . 14.71 1.45 -33.95
C5 BMA F . 16.23 1.48 -33.76
C6 BMA F . 16.97 2.22 -34.88
O2 BMA F . 14.03 2.74 -31.06
O3 BMA F . 12.59 1.32 -32.67
O4 BMA F . 14.36 0.58 -35.01
O5 BMA F . 16.63 1.99 -32.50
O6 BMA F . 18.27 2.47 -34.41
H2 BMA F . 14.28 0.79 -30.70
H3 BMA F . 14.07 -0.01 -32.75
H4 BMA F . 14.40 2.34 -34.15
H5 BMA F . 16.52 0.57 -33.80
H61 BMA F . 16.50 3.05 -35.09
H62 BMA F . 16.98 1.69 -35.68
HO2 BMA F . 14.70 3.26 -30.97
HO4 BMA F . 14.24 1.03 -35.72
HO6 BMA F . 18.72 2.80 -35.05
C1 MAN F . 11.80 0.65 -33.68
C2 MAN F . 10.34 0.95 -33.33
C3 MAN F . 9.98 0.25 -32.03
C4 MAN F . 10.22 -1.25 -32.13
C5 MAN F . 11.68 -1.50 -32.55
C6 MAN F . 11.95 -2.96 -32.92
O2 MAN F . 9.54 0.51 -34.41
O3 MAN F . 8.64 0.55 -31.73
O4 MAN F . 9.94 -1.81 -30.86
O5 MAN F . 12.00 -0.74 -33.70
O6 MAN F . 11.63 -3.87 -31.89
H2 MAN F . 10.25 1.91 -33.22
H3 MAN F . 10.57 0.60 -31.34
H4 MAN F . 9.63 -1.62 -32.81
H5 MAN F . 12.23 -1.26 -31.78
H61 MAN F . 12.88 -3.02 -33.16
H62 MAN F . 11.44 -3.15 -33.72
HO2 MAN F . 9.91 -0.17 -34.74
HO3 MAN F . 8.23 0.66 -32.47
HO4 MAN F . 9.69 -2.61 -30.96
C1 MAN F . 12.31 -3.69 -30.61
C2 MAN F . 13.80 -3.37 -30.76
C3 MAN F . 14.56 -4.51 -31.43
C4 MAN F . 14.08 -5.93 -31.12
C5 MAN F . 12.68 -6.04 -30.52
C6 MAN F . 12.67 -7.16 -29.49
O2 MAN F . 14.26 -3.13 -29.45
O3 MAN F . 15.90 -4.37 -31.00
O4 MAN F . 14.12 -6.62 -32.36
O5 MAN F . 12.24 -4.86 -29.87
O6 MAN F . 13.43 -8.24 -30.00
H2 MAN F . 13.87 -2.60 -31.34
H3 MAN F . 14.41 -4.38 -32.38
H4 MAN F . 14.69 -6.26 -30.45
H5 MAN F . 12.05 -6.21 -31.24
H61 MAN F . 11.76 -7.41 -29.31
H62 MAN F . 13.05 -6.81 -28.66
HO2 MAN F . 14.30 -3.88 -29.05
HO3 MAN F . 15.95 -4.60 -30.18
HO4 MAN F . 13.68 -7.34 -32.30
HO6 MAN F . 14.13 -8.32 -29.52
C1 NAG G . 38.02 -5.62 -11.70
C2 NAG G . 39.35 -6.20 -11.19
C3 NAG G . 40.18 -5.10 -10.55
C4 NAG G . 40.35 -4.04 -11.62
C5 NAG G . 38.99 -3.48 -12.01
C6 NAG G . 39.06 -2.34 -13.02
C7 NAG G . 39.60 -8.54 -10.49
C8 NAG G . 39.30 -9.53 -9.39
N2 NAG G . 39.16 -7.30 -10.27
O3 NAG G . 41.40 -5.66 -10.13
O4 NAG G . 41.26 -3.07 -11.15
O5 NAG G . 38.24 -4.53 -12.57
O6 NAG G . 39.96 -2.66 -14.05
O7 NAG G . 40.21 -8.88 -11.50
H2 NAG G . 39.82 -6.57 -11.96
H3 NAG G . 39.72 -4.73 -9.78
H4 NAG G . 40.73 -4.47 -12.40
H5 NAG G . 38.55 -3.11 -11.23
H61 NAG G . 39.31 -1.53 -12.54
H62 NAG G . 38.16 -2.18 -13.36
H81 NAG G . 38.79 -10.27 -9.76
H82 NAG G . 38.79 -9.09 -8.70
H83 NAG G . 40.13 -9.87 -9.02
HN2 NAG G . 38.74 -7.13 -9.55
HO3 NAG G . 41.79 -5.96 -10.81
C1 NAG G . 42.38 -3.34 -12.02
C2 NAG G . 43.29 -2.11 -12.18
C3 NAG G . 44.24 -2.51 -13.30
C4 NAG G . 44.94 -3.84 -13.00
C5 NAG G . 43.97 -4.92 -12.50
C6 NAG G . 44.60 -6.20 -11.99
C7 NAG G . 42.47 0.18 -11.70
C8 NAG G . 41.60 1.29 -12.23
N2 NAG G . 42.53 -0.93 -12.48
O3 NAG G . 45.17 -1.47 -13.49
O4 NAG G . 45.56 -4.26 -14.19
O5 NAG G . 43.18 -4.36 -11.47
O6 NAG G . 45.63 -5.90 -11.09
O7 NAG G . 43.07 0.29 -10.65
H2 NAG G . 43.77 -1.90 -11.36
H3 NAG G . 43.71 -2.66 -14.10
H4 NAG G . 45.57 -3.66 -12.28
H5 NAG G . 43.43 -5.19 -13.25
H61 NAG G . 44.91 -6.70 -12.75
H62 NAG G . 43.89 -6.73 -11.57
H81 NAG G . 42.14 2.08 -12.39
H82 NAG G . 40.91 1.50 -11.58
H83 NAG G . 41.19 1.01 -13.06
HN2 NAG G . 42.08 -0.93 -13.21
HO3 NAG G . 45.62 -1.63 -14.19
HO4 NAG G . 45.00 -4.72 -14.64
HO6 NAG G . 45.29 -5.51 -10.40
C1 FUC G . 39.31 -3.44 -15.07
C2 FUC G . 39.75 -2.93 -16.45
C3 FUC G . 41.24 -3.22 -16.68
C4 FUC G . 41.53 -4.71 -16.47
C5 FUC G . 41.02 -5.10 -15.08
C6 FUC G . 41.19 -6.59 -14.78
O2 FUC G . 39.46 -1.56 -16.54
O3 FUC G . 41.55 -2.78 -17.99
O4 FUC G . 40.91 -5.45 -17.51
O5 FUC G . 39.64 -4.80 -14.94
H2 FUC G . 39.24 -3.44 -17.09
H3 FUC G . 41.74 -2.75 -16.02
H4 FUC G . 42.49 -4.84 -16.48
H5 FUC G . 41.55 -4.61 -14.44
H61 FUC G . 40.98 -6.76 -13.85
H62 FUC G . 42.10 -6.86 -14.96
H63 FUC G . 40.59 -7.11 -15.33
HO2 FUC G . 39.93 -1.17 -15.94
HO3 FUC G . 41.21 -3.32 -18.54
HO4 FUC G . 41.19 -6.24 -17.49
C1 NAG H . 6.37 -8.63 -29.74
C2 NAG H . 6.73 -8.80 -31.22
C3 NAG H . 5.46 -8.83 -32.06
C4 NAG H . 4.53 -9.93 -31.56
C5 NAG H . 4.30 -9.76 -30.05
C6 NAG H . 3.48 -10.88 -29.45
C7 NAG H . 8.84 -7.93 -32.15
C8 NAG H . 9.54 -6.66 -32.59
N2 NAG H . 7.59 -7.74 -31.68
O3 NAG H . 5.88 -9.01 -33.38
O4 NAG H . 3.32 -9.83 -32.27
O5 NAG H . 5.54 -9.70 -29.37
O6 NAG H . 3.47 -10.78 -28.04
O7 NAG H . 9.38 -9.02 -32.24
H2 NAG H . 7.21 -9.64 -31.29
H3 NAG H . 4.98 -8.00 -31.96
H4 NAG H . 4.97 -10.78 -31.73
H5 NAG H . 3.82 -8.94 -29.92
H61 NAG H . 3.85 -11.73 -29.74
H62 NAG H . 2.58 -10.83 -29.82
H81 NAG H . 10.50 -6.83 -32.62
H82 NAG H . 9.35 -5.97 -31.95
H83 NAG H . 9.22 -6.40 -33.46
HN2 NAG H . 7.29 -6.94 -31.65
HO3 NAG H . 5.34 -8.60 -33.89
HO6 NAG H . 2.94 -10.15 -27.83
C1 NAG H . 3.49 -10.32 -33.62
C2 NAG H . 2.76 -11.65 -33.79
C3 NAG H . 3.09 -12.18 -35.19
C4 NAG H . 2.69 -11.15 -36.24
C5 NAG H . 3.28 -9.78 -35.90
C6 NAG H . 2.81 -8.67 -36.82
C7 NAG H . 2.42 -12.98 -31.69
C8 NAG H . 1.07 -12.33 -31.52
N2 NAG H . 3.15 -12.60 -32.78
O3 NAG H . 2.42 -13.40 -35.37
O4 NAG H . 3.18 -11.61 -37.48
O5 NAG H . 2.95 -9.43 -34.57
O6 NAG H . 3.35 -7.43 -36.40
O7 NAG H . 2.84 -13.79 -30.88
H2 NAG H . 1.81 -11.52 -33.69
H3 NAG H . 4.05 -12.30 -35.25
H4 NAG H . 1.73 -11.08 -36.22
H5 NAG H . 4.25 -9.83 -35.98
H61 NAG H . 1.85 -8.67 -36.82
H62 NAG H . 3.09 -8.89 -37.73
H81 NAG H . 0.69 -12.64 -30.68
H82 NAG H . 0.49 -12.59 -32.25
H83 NAG H . 1.17 -11.37 -31.49
HN2 NAG H . 3.92 -12.97 -32.87
HO3 NAG H . 2.68 -13.73 -36.11
HO4 NAG H . 2.70 -11.29 -38.10
HO6 NAG H . 3.11 -7.29 -35.60
C10 A1JMH I . 5.94 -9.86 -11.67
C12 A1JMH I . 6.32 -11.08 -9.82
C14 A1JMH I . 7.05 -13.21 -10.20
C15 A1JMH I . 6.65 -13.44 -11.62
C16 A1JMH I . 6.62 -12.11 -12.24
C19 A1JMH I . 6.71 -13.89 -14.85
C21 A1JMH I . 7.75 -14.38 -13.91
C22 A1JMH I . 7.38 -14.56 -12.43
C23 A1JMH I . 6.33 -15.71 -12.32
C01 A1JMH I . 7.85 -6.66 -8.57
C02 A1JMH I . 7.27 -6.17 -7.25
C03 A1JMH I . 7.34 -7.16 -6.07
C04 A1JMH I . 5.96 -7.82 -5.81
C05 A1JMH I . 5.42 -8.68 -7.03
C06 A1JMH I . 6.41 -9.73 -7.65
C07 A1JMH I . 6.95 -10.45 -6.37
C08 A1JMH I . 5.63 -10.02 -9.05
C09 A1JMH I . 5.51 -9.12 -10.35
C11 A1JMH I . 5.76 -11.26 -11.22
C13 A1JMH I . 6.40 -12.36 -9.15
C17 A1JMH I . 5.80 -12.26 -13.52
C24 A1JMH I . 6.82 -17.03 -12.83
C25 A1JMH I . 7.12 -16.90 -14.33
C26 A1JMH I . 8.08 -15.71 -14.61
C29 A1JMH I . 8.75 -14.89 -11.87
C30 A1JMH I . 7.79 -10.65 -9.75
C33 A1JMH I . 7.91 -6.52 -4.78
C34 A1JMH I . 9.39 -6.17 -4.92
C35 A1JMH I . 7.67 -7.38 -3.53
O18 A1JMH I . 6.45 -12.56 -14.73
O20 A1JMH I . 6.11 -14.57 -15.64
O27 A1JMH I . 5.87 -16.70 -14.92
O28 A1JMH I . 5.91 -18.06 -12.56
O31 A1JMH I . 4.19 -9.24 -6.69
O32 A1JMH I . 4.97 -6.87 -5.55
H101 A1JMH I . 6.86 -9.77 -11.94
H102 A1JMH I . 5.36 -9.74 -12.44
H141 A1JMH I . 7.15 -14.15 -9.98
H142 A1JMH I . 7.98 -13.00 -10.40
H151 A1JMH I . 5.70 -13.63 -11.58
H161 A1JMH I . 7.54 -11.85 -12.42
H211 A1JMH I . 8.50 -13.77 -14.01
H231 A1JMH I . 6.05 -15.87 -11.41
H232 A1JMH I . 5.52 -15.53 -12.82
H011 A1JMH I . 8.49 -6.04 -8.96
H012 A1JMH I . 7.18 -6.80 -9.26
H013 A1JMH I . 8.33 -7.50 -8.49
H021 A1JMH I . 6.35 -5.88 -7.40
H022 A1JMH I . 7.69 -5.33 -7.00
H031 A1JMH I . 7.92 -7.90 -6.32
H041 A1JMH I . 6.02 -8.43 -5.07
H051 A1JMH I . 5.33 -8.11 -7.79
H061 A1JMH I . 6.88 -8.94 -7.93
H073 A1JMH I . 6.28 -10.85 -5.79
H072 A1JMH I . 7.44 -9.88 -5.74
H071 A1JMH I . 7.58 -11.18 -6.52
H081 A1JMH I . 4.77 -10.35 -8.74
H092 A1JMH I . 6.14 -8.38 -10.31
H091 A1JMH I . 4.58 -8.91 -10.52
H111 A1JMH I . 4.87 -11.63 -11.17
H132 A1JMH I . 6.89 -12.09 -8.36
H131 A1JMH I . 5.45 -12.47 -8.93
H172 A1JMH I . 5.39 -11.41 -13.74
H171 A1JMH I . 5.22 -13.04 -13.44
H241 A1JMH I . 7.64 -17.27 -12.35
H251 A1JMH I . 7.58 -17.71 -14.60
H261 A1JMH I . 8.13 -15.43 -15.54
H262 A1JMH I . 9.00 -15.85 -14.31
H293 A1JMH I . 9.14 -15.64 -12.36
H292 A1JMH I . 8.68 -15.12 -10.93
H291 A1JMH I . 9.33 -14.11 -11.97
H303 A1JMH I . 8.26 -10.98 -10.55
H301 A1JMH I . 8.20 -11.01 -8.95
H302 A1JMH I . 7.84 -9.68 -9.73
H331 A1JMH I . 7.43 -5.69 -4.61
H342 A1JMH I . 9.95 -6.95 -5.00
H343 A1JMH I . 9.73 -5.67 -4.16
H341 A1JMH I . 9.57 -5.63 -5.71
H351 A1JMH I . 7.89 -8.31 -3.68
H352 A1JMH I . 6.75 -7.37 -3.23
H353 A1JMH I . 8.20 -7.10 -2.78
H271 A1JMH I . 5.68 -17.35 -15.43
H281 A1JMH I . 6.28 -18.69 -12.13
H311 A1JMH I . 3.59 -8.69 -6.96
H321 A1JMH I . 4.22 -7.25 -5.43
S SO4 J . -17.22 -5.14 50.93
O1 SO4 J . -18.21 -4.05 51.16
O2 SO4 J . -17.29 -6.13 52.06
O3 SO4 J . -17.53 -5.83 49.64
O4 SO4 J . -15.84 -4.56 50.87
S SO4 K . -0.07 7.72 10.59
O1 SO4 K . -0.71 8.76 11.47
O2 SO4 K . -0.23 6.37 11.22
O3 SO4 K . -0.74 7.73 9.25
O4 SO4 K . 1.39 8.03 10.42
S SO4 L . -1.37 4.63 -6.60
O1 SO4 L . -1.67 5.86 -5.80
O2 SO4 L . -2.52 3.68 -6.51
O3 SO4 L . -1.15 5.00 -8.03
O4 SO4 L . -0.14 3.96 -6.06
NA NA M . 22.21 15.67 -12.20
C1 NAG N . -5.85 -17.15 24.28
C2 NAG N . -6.17 -18.62 23.98
C3 NAG N . -5.30 -19.56 24.80
C4 NAG N . -3.83 -19.20 24.61
C5 NAG N . -3.66 -17.72 24.99
C6 NAG N . -2.23 -17.24 24.91
C7 NAG N . -8.43 -19.35 23.30
C8 NAG N . -9.83 -19.56 23.80
N2 NAG N . -7.56 -18.89 24.22
O3 NAG N . -5.57 -20.88 24.40
O4 NAG N . -3.07 -20.05 25.44
O5 NAG N . -4.47 -16.94 24.13
O6 NAG N . -1.60 -17.75 23.75
O7 NAG N . -8.14 -19.58 22.13
H2 NAG N . -5.98 -18.77 23.03
H3 NAG N . -5.52 -19.44 25.73
H4 NAG N . -3.59 -19.33 23.68
H5 NAG N . -3.94 -17.61 25.91
H61 NAG N . -1.77 -17.52 25.72
H62 NAG N . -2.24 -16.27 24.91
H81 NAG N . -10.06 -20.50 23.73
H82 NAG N . -10.45 -19.03 23.28
H83 NAG N . -9.88 -19.29 24.73
HN2 NAG N . -7.85 -18.76 25.02
HO3 NAG N . -5.39 -20.95 23.57
HO4 NAG N . -2.30 -20.15 25.10
HO6 NAG N . -0.77 -17.59 23.81
C1 NAG O . -3.48 13.05 -25.58
C2 NAG O . -3.83 12.95 -27.08
C3 NAG O . -4.67 11.69 -27.28
C4 NAG O . -3.94 10.47 -26.72
C5 NAG O . -3.50 10.72 -25.28
C6 NAG O . -2.70 9.58 -24.69
C7 NAG O . -3.96 15.08 -28.33
C8 NAG O . -4.88 16.23 -28.68
N2 NAG O . -4.51 14.13 -27.53
O3 NAG O . -4.96 11.56 -28.64
O4 NAG O . -4.82 9.37 -26.81
O5 NAG O . -2.74 11.91 -25.21
O6 NAG O . -2.32 9.90 -23.36
O7 NAG O . -2.82 15.03 -28.75
H2 NAG O . -3.01 12.88 -27.59
H3 NAG O . -5.49 11.80 -26.76
H4 NAG O . -3.15 10.33 -27.27
H5 NAG O . -4.29 10.83 -24.73
H61 NAG O . -1.94 9.42 -25.26
H62 NAG O . -3.25 8.77 -24.72
H81 NAG O . -4.47 17.06 -28.39
H82 NAG O . -5.73 16.12 -28.22
H83 NAG O . -5.02 16.24 -29.63
HN2 NAG O . -5.32 14.24 -27.28
HO3 NAG O . -5.48 10.89 -28.74
HO4 NAG O . -4.37 8.66 -26.85
HO6 NAG O . -1.95 10.66 -23.36
C1 NAG P . 27.53 12.51 6.35
C2 NAG P . 27.30 13.73 7.27
C3 NAG P . 28.69 14.08 7.81
C4 NAG P . 29.22 12.88 8.58
C5 NAG P . 29.15 11.59 7.73
C6 NAG P . 29.55 10.37 8.53
C7 NAG P . 25.67 15.56 7.09
C8 NAG P . 25.19 16.67 6.18
N2 NAG P . 26.69 14.83 6.59
O3 NAG P . 28.56 15.23 8.61
O4 NAG P . 30.55 13.19 8.93
O5 NAG P . 27.86 11.41 7.19
O6 NAG P . 29.27 9.20 7.80
O7 NAG P . 25.15 15.35 8.17
H2 NAG P . 26.69 13.51 7.98
H3 NAG P . 29.28 14.27 7.07
H4 NAG P . 28.65 12.76 9.36
H5 NAG P . 29.78 11.69 7.00
H61 NAG P . 29.06 10.38 9.38
H62 NAG P . 30.49 10.44 8.76
H81 NAG P . 24.25 16.54 5.98
H82 NAG P . 25.70 16.65 5.36
H83 NAG P . 25.32 17.52 6.63
HN2 NAG P . 27.00 15.05 5.82
HO3 NAG P . 29.35 15.49 8.81
HO4 NAG P . 30.75 12.77 9.64
HO6 NAG P . 28.43 9.14 7.70
C1 GOL Q . 2.62 -8.72 41.87
O1 GOL Q . 3.62 -9.46 42.53
C2 GOL Q . 1.78 -7.99 42.89
O2 GOL Q . 2.23 -6.66 42.98
C3 GOL Q . 0.30 -8.05 42.55
O3 GOL Q . -0.34 -8.74 43.59
H11 GOL Q . 2.05 -9.29 41.33
H12 GOL Q . 3.02 -8.06 41.26
HO1 GOL Q . 4.05 -9.90 41.94
H2 GOL Q . 1.90 -8.47 43.73
HO2 GOL Q . 1.65 -6.22 43.43
H31 GOL Q . 0.18 -8.49 41.70
H32 GOL Q . -0.04 -7.15 42.45
HO3 GOL Q . -1.15 -8.50 43.61
C ACT R . -28.02 3.67 -11.41
O ACT R . -27.12 2.86 -11.73
OXT ACT R . -27.84 4.86 -11.05
CH3 ACT R . -29.46 3.15 -11.48
H1 ACT R . -30.12 3.84 -11.35
H2 ACT R . -29.65 2.46 -10.82
H3 ACT R . -29.67 2.74 -12.34
C1 EDO S . -2.81 1.88 -16.98
O1 EDO S . -3.95 1.06 -16.77
C2 EDO S . -1.85 1.75 -15.83
O2 EDO S . -1.14 0.53 -15.92
H11 EDO S . -3.07 2.81 -17.07
H12 EDO S . -2.35 1.64 -17.80
HO1 EDO S . -4.43 1.09 -17.47
H21 EDO S . -2.37 1.81 -15.01
H22 EDO S . -1.27 2.52 -15.85
HO2 EDO S . -1.72 -0.10 -15.94
C1 EDO T . -0.39 -2.66 -15.47
O1 EDO T . -1.56 -2.98 -14.75
C2 EDO T . -0.21 -3.60 -16.63
O2 EDO T . -1.31 -3.52 -17.50
H11 EDO T . 0.40 -2.70 -14.90
H12 EDO T . -0.43 -1.75 -15.82
HO1 EDO T . -1.65 -2.42 -14.13
H21 EDO T . -0.10 -4.50 -16.25
H22 EDO T . 0.63 -3.38 -17.06
HO2 EDO T . -1.32 -2.73 -17.82
#